data_4RPK
#
_entry.id   4RPK
#
_cell.length_a   173.550
_cell.length_b   100.410
_cell.length_c   101.270
_cell.angle_alpha   90.000
_cell.angle_beta   108.660
_cell.angle_gamma   90.000
#
_symmetry.space_group_name_H-M   'C 1 2 1'
#
loop_
_entity.id
_entity.type
_entity.pdbx_description
1 polymer 'UDP-galactopyranose mutase'
2 non-polymer 'FLAVIN-ADENINE DINUCLEOTIDE'
3 non-polymer '(2R,5S)-5-[(1R)-1,2-dihydroxyethyl]-3,3,4,4-tetrafluorotetrahydrofuran-2-yl [(2R,3S,4R,5R)-5-(2,4-dioxo-3,4-dihydropyrimidin-1(2H)-yl)-3,4-dihydroxytetrahydrofuran-2-yl]methyl dihydrogen diphosphate (non-preferred name)'
4 water water
#
_entity_poly.entity_id   1
_entity_poly.type   'polypeptide(L)'
_entity_poly.pdbx_seq_one_letter_code
;MQPMTARFDLFVVGSGFFGLTIAERVATQLDKRVLVLERRPHIGGNAYSEAEPQTGIEVHKYGAHLFHTSNKRVWDYVRQ
FTDFTDYRHRVFAMHNGQAYQFPMGLGLVSQFFGKYFTPEQARQLIAEQAAEIDTADAQNLEEKAISLIGRPLYEAFVKG
YTAKQWQTDPKELPAANITRLPVRYTFDNRYFSDTYEGLPTDGYTAWLQNMAADHRIEVRLNTDWFDVRGQLRPGSPAAP
VVYTGPLDRYFDYAEGRLGWRTLDFEVEVLPIGDFQGTAVMNYNDLDVPYTRIHEFRHFHPERDYRTDKTVIMREYSRFA
EDDDEPYYPINTEADRALLATYRARAKSETASSKVLFGGRLGTYQYLDMHMAIASALNMYDNVLAPHLRDGVPLLQDGA
;
_entity_poly.pdbx_strand_id   B,A,C
#
# COMPACT_ATOMS: atom_id res chain seq x y z
N THR A 5 -47.12 -25.91 -19.47
CA THR A 5 -47.53 -26.63 -18.27
C THR A 5 -46.36 -26.87 -17.33
N ALA A 6 -45.51 -27.84 -17.66
CA ALA A 6 -44.35 -28.16 -16.84
C ALA A 6 -43.17 -27.26 -17.18
N ARG A 7 -42.78 -26.42 -16.25
CA ARG A 7 -41.70 -25.46 -16.48
C ARG A 7 -40.34 -26.15 -16.55
N PHE A 8 -39.99 -26.88 -15.50
CA PHE A 8 -38.71 -27.60 -15.48
C PHE A 8 -38.92 -29.10 -15.42
N ASP A 9 -37.87 -29.85 -15.76
CA ASP A 9 -37.91 -31.31 -15.72
C ASP A 9 -37.16 -31.85 -14.51
N LEU A 10 -36.43 -30.98 -13.82
CA LEU A 10 -35.61 -31.39 -12.68
C LEU A 10 -35.13 -30.19 -11.87
N PHE A 11 -35.22 -30.33 -10.55
CA PHE A 11 -34.63 -29.35 -9.65
C PHE A 11 -33.34 -29.92 -9.07
N VAL A 12 -32.29 -29.10 -9.07
CA VAL A 12 -31.03 -29.49 -8.43
C VAL A 12 -30.65 -28.48 -7.36
N VAL A 13 -30.35 -28.97 -6.17
CA VAL A 13 -29.99 -28.11 -5.06
C VAL A 13 -28.49 -28.14 -4.81
N GLY A 14 -27.83 -27.02 -5.10
CA GLY A 14 -26.38 -26.93 -4.96
C GLY A 14 -25.68 -27.02 -6.30
N SER A 15 -24.77 -26.08 -6.54
CA SER A 15 -24.06 -26.04 -7.81
C SER A 15 -22.60 -26.49 -7.69
N GLY A 16 -22.36 -27.46 -6.83
CA GLY A 16 -21.05 -28.09 -6.75
C GLY A 16 -20.85 -29.04 -7.91
N PHE A 17 -19.77 -29.82 -7.87
CA PHE A 17 -19.47 -30.73 -8.97
C PHE A 17 -20.54 -31.81 -9.14
N PHE A 18 -21.12 -32.27 -8.04
CA PHE A 18 -22.18 -33.27 -8.13
C PHE A 18 -23.40 -32.65 -8.82
N GLY A 19 -23.86 -31.53 -8.28
CA GLY A 19 -25.02 -30.84 -8.80
C GLY A 19 -24.86 -30.47 -10.26
N LEU A 20 -23.71 -29.90 -10.62
CA LEU A 20 -23.48 -29.48 -12.00
C LEU A 20 -23.37 -30.68 -12.94
N THR A 21 -22.72 -31.74 -12.48
CA THR A 21 -22.62 -32.97 -13.28
C THR A 21 -24.02 -33.50 -13.58
N ILE A 22 -24.84 -33.61 -12.53
CA ILE A 22 -26.22 -34.05 -12.69
C ILE A 22 -26.97 -33.13 -13.65
N ALA A 23 -26.88 -31.82 -13.40
CA ALA A 23 -27.59 -30.84 -14.22
C ALA A 23 -27.13 -30.87 -15.67
N GLU A 24 -25.84 -31.04 -15.89
CA GLU A 24 -25.30 -31.06 -17.24
C GLU A 24 -25.75 -32.32 -17.99
N ARG A 25 -25.59 -33.47 -17.37
CA ARG A 25 -25.97 -34.73 -18.01
C ARG A 25 -27.44 -34.75 -18.40
N VAL A 26 -28.31 -34.31 -17.48
CA VAL A 26 -29.74 -34.34 -17.73
C VAL A 26 -30.12 -33.42 -18.89
N ALA A 27 -29.64 -32.18 -18.84
CA ALA A 27 -29.96 -31.18 -19.85
C ALA A 27 -29.38 -31.53 -21.21
N THR A 28 -28.17 -32.08 -21.22
CA THR A 28 -27.43 -32.27 -22.47
C THR A 28 -27.73 -33.61 -23.13
N GLN A 29 -27.98 -34.64 -22.34
CA GLN A 29 -28.16 -35.98 -22.89
C GLN A 29 -29.63 -36.37 -23.04
N LEU A 30 -30.50 -35.70 -22.28
CA LEU A 30 -31.93 -36.04 -22.29
C LEU A 30 -32.78 -34.89 -22.81
N ASP A 31 -32.16 -33.76 -23.11
CA ASP A 31 -32.85 -32.57 -23.61
C ASP A 31 -33.96 -32.13 -22.66
N LYS A 32 -33.58 -31.92 -21.41
CA LYS A 32 -34.54 -31.55 -20.37
C LYS A 32 -34.15 -30.23 -19.71
N ARG A 33 -35.15 -29.47 -19.26
CA ARG A 33 -34.88 -28.20 -18.60
C ARG A 33 -34.58 -28.41 -17.12
N VAL A 34 -33.44 -27.91 -16.66
CA VAL A 34 -33.01 -28.10 -15.29
C VAL A 34 -32.84 -26.77 -14.54
N LEU A 35 -33.46 -26.66 -13.38
CA LEU A 35 -33.25 -25.49 -12.54
C LEU A 35 -32.29 -25.82 -11.41
N VAL A 36 -31.21 -25.06 -11.31
CA VAL A 36 -30.22 -25.26 -10.27
C VAL A 36 -30.30 -24.12 -9.26
N LEU A 37 -30.49 -24.47 -8.00
CA LEU A 37 -30.63 -23.48 -6.96
C LEU A 37 -29.40 -23.44 -6.04
N GLU A 38 -28.72 -22.30 -6.04
CA GLU A 38 -27.52 -22.13 -5.26
C GLU A 38 -27.73 -21.06 -4.19
N ARG A 39 -27.36 -21.40 -2.96
CA ARG A 39 -27.53 -20.49 -1.83
C ARG A 39 -26.42 -19.44 -1.83
N ARG A 40 -25.21 -19.85 -2.20
CA ARG A 40 -24.05 -18.96 -2.26
C ARG A 40 -24.17 -17.94 -3.40
N PRO A 41 -23.38 -16.85 -3.32
CA PRO A 41 -23.35 -15.85 -4.39
C PRO A 41 -22.64 -16.32 -5.67
N HIS A 42 -22.11 -17.55 -5.65
CA HIS A 42 -21.37 -18.07 -6.80
C HIS A 42 -21.67 -19.54 -7.02
N ILE A 43 -21.37 -20.04 -8.21
CA ILE A 43 -21.50 -21.47 -8.48
C ILE A 43 -20.23 -22.21 -8.08
N GLY A 44 -20.25 -23.53 -8.19
CA GLY A 44 -19.06 -24.34 -8.01
C GLY A 44 -18.81 -24.85 -6.61
N GLY A 45 -19.62 -24.41 -5.66
CA GLY A 45 -19.45 -24.82 -4.28
C GLY A 45 -18.09 -24.41 -3.73
N ASN A 46 -17.40 -25.36 -3.11
CA ASN A 46 -16.10 -25.09 -2.52
C ASN A 46 -14.97 -25.07 -3.55
N ALA A 47 -15.30 -25.41 -4.79
CA ALA A 47 -14.32 -25.44 -5.85
C ALA A 47 -14.16 -24.08 -6.51
N TYR A 48 -14.98 -23.12 -6.10
CA TYR A 48 -14.93 -21.77 -6.67
C TYR A 48 -13.58 -21.11 -6.43
N SER A 49 -13.00 -20.58 -7.50
CA SER A 49 -11.73 -19.88 -7.42
C SER A 49 -11.89 -18.42 -7.81
N GLU A 50 -10.91 -17.59 -7.45
CA GLU A 50 -11.00 -16.16 -7.67
C GLU A 50 -9.61 -15.52 -7.69
N ALA A 51 -9.36 -14.70 -8.71
CA ALA A 51 -8.07 -14.05 -8.86
C ALA A 51 -7.90 -12.93 -7.84
N GLU A 52 -6.79 -12.94 -7.12
CA GLU A 52 -6.47 -11.89 -6.16
C GLU A 52 -6.00 -10.65 -6.89
N PRO A 53 -6.67 -9.50 -6.64
CA PRO A 53 -6.52 -8.22 -7.34
C PRO A 53 -5.07 -7.73 -7.50
N GLN A 54 -4.31 -7.72 -6.41
CA GLN A 54 -2.96 -7.18 -6.45
C GLN A 54 -2.02 -7.99 -7.34
N THR A 55 -2.05 -9.31 -7.18
CA THR A 55 -1.09 -10.18 -7.84
C THR A 55 -1.62 -10.83 -9.12
N GLY A 56 -2.94 -11.06 -9.17
CA GLY A 56 -3.56 -11.73 -10.30
C GLY A 56 -3.60 -13.24 -10.13
N ILE A 57 -3.01 -13.73 -9.05
CA ILE A 57 -2.93 -15.17 -8.77
C ILE A 57 -4.30 -15.75 -8.41
N GLU A 58 -4.61 -16.90 -9.01
CA GLU A 58 -5.87 -17.59 -8.74
C GLU A 58 -5.89 -18.18 -7.34
N VAL A 59 -6.90 -17.83 -6.57
CA VAL A 59 -7.02 -18.30 -5.19
C VAL A 59 -8.20 -19.26 -5.04
N HIS A 60 -7.91 -20.49 -4.63
CA HIS A 60 -8.96 -21.43 -4.28
C HIS A 60 -9.57 -20.97 -2.97
N LYS A 61 -10.70 -20.27 -3.06
CA LYS A 61 -11.28 -19.57 -1.92
C LYS A 61 -11.65 -20.46 -0.74
N TYR A 62 -11.97 -21.73 -1.01
CA TYR A 62 -12.39 -22.64 0.06
C TYR A 62 -11.38 -23.75 0.30
N GLY A 63 -10.09 -23.43 0.20
CA GLY A 63 -9.05 -24.40 0.44
C GLY A 63 -8.55 -25.00 -0.85
N ALA A 64 -7.31 -25.50 -0.83
CA ALA A 64 -6.64 -26.00 -2.03
C ALA A 64 -7.42 -27.12 -2.70
N HIS A 65 -7.65 -26.97 -4.00
CA HIS A 65 -8.36 -27.98 -4.76
C HIS A 65 -7.47 -28.54 -5.86
N LEU A 66 -7.15 -29.82 -5.74
CA LEU A 66 -6.30 -30.52 -6.70
C LEU A 66 -7.07 -31.69 -7.29
N PHE A 67 -7.25 -31.69 -8.61
CA PHE A 67 -8.02 -32.75 -9.25
C PHE A 67 -7.14 -33.95 -9.61
N HIS A 68 -7.66 -35.13 -9.34
CA HIS A 68 -6.95 -36.37 -9.59
C HIS A 68 -7.94 -37.52 -9.68
N THR A 69 -7.68 -38.48 -10.56
CA THR A 69 -8.53 -39.65 -10.70
C THR A 69 -7.85 -40.78 -11.46
N SER A 70 -8.27 -42.00 -11.19
CA SER A 70 -7.81 -43.16 -11.96
C SER A 70 -8.95 -43.63 -12.86
N ASN A 71 -10.11 -43.02 -12.70
CA ASN A 71 -11.28 -43.34 -13.51
C ASN A 71 -11.17 -42.68 -14.89
N LYS A 72 -10.97 -43.50 -15.91
CA LYS A 72 -10.79 -43.01 -17.28
C LYS A 72 -12.05 -42.28 -17.77
N ARG A 73 -13.21 -42.78 -17.36
CA ARG A 73 -14.48 -42.19 -17.78
C ARG A 73 -14.69 -40.80 -17.18
N VAL A 74 -14.28 -40.64 -15.92
CA VAL A 74 -14.38 -39.33 -15.27
C VAL A 74 -13.43 -38.33 -15.91
N TRP A 75 -12.19 -38.78 -16.13
CA TRP A 75 -11.17 -37.97 -16.78
C TRP A 75 -11.63 -37.46 -18.14
N ASP A 76 -12.18 -38.36 -18.95
CA ASP A 76 -12.66 -38.00 -20.28
C ASP A 76 -13.86 -37.04 -20.21
N TYR A 77 -14.66 -37.19 -19.16
CA TYR A 77 -15.84 -36.36 -19.00
C TYR A 77 -15.47 -34.92 -18.62
N VAL A 78 -14.62 -34.78 -17.61
CA VAL A 78 -14.24 -33.46 -17.13
C VAL A 78 -13.46 -32.66 -18.18
N ARG A 79 -12.73 -33.35 -19.05
CA ARG A 79 -11.94 -32.69 -20.08
C ARG A 79 -12.80 -32.07 -21.18
N GLN A 80 -14.10 -32.31 -21.12
CA GLN A 80 -15.04 -31.71 -22.05
C GLN A 80 -15.27 -30.24 -21.74
N PHE A 81 -14.89 -29.83 -20.54
CA PHE A 81 -15.22 -28.49 -20.03
C PHE A 81 -13.99 -27.67 -19.71
N THR A 82 -12.84 -28.33 -19.60
CA THR A 82 -11.60 -27.64 -19.26
C THR A 82 -10.38 -28.42 -19.69
N ASP A 83 -9.28 -27.70 -19.91
CA ASP A 83 -7.98 -28.32 -20.07
C ASP A 83 -7.35 -28.48 -18.70
N PHE A 84 -6.39 -29.40 -18.59
CA PHE A 84 -5.66 -29.58 -17.35
C PHE A 84 -4.17 -29.34 -17.55
N THR A 85 -3.53 -28.74 -16.54
CA THR A 85 -2.09 -28.50 -16.60
C THR A 85 -1.31 -29.75 -16.25
N ASP A 86 0.01 -29.60 -16.23
CA ASP A 86 0.94 -30.69 -16.01
C ASP A 86 1.19 -30.93 -14.52
N TYR A 87 0.49 -30.17 -13.67
CA TYR A 87 0.79 -30.13 -12.25
C TYR A 87 0.61 -31.47 -11.55
N ARG A 88 1.61 -31.84 -10.75
CA ARG A 88 1.52 -33.02 -9.89
C ARG A 88 1.66 -32.55 -8.44
N HIS A 89 0.62 -32.77 -7.64
CA HIS A 89 0.59 -32.22 -6.29
C HIS A 89 1.58 -32.89 -5.35
N ARG A 90 2.33 -32.05 -4.63
CA ARG A 90 3.25 -32.51 -3.60
C ARG A 90 3.06 -31.70 -2.33
N VAL A 91 3.25 -32.36 -1.19
CA VAL A 91 3.09 -31.70 0.10
C VAL A 91 4.35 -31.88 0.93
N PHE A 92 4.77 -30.80 1.60
CA PHE A 92 5.84 -30.91 2.59
C PHE A 92 5.28 -30.72 3.99
N ALA A 93 5.98 -31.28 4.97
CA ALA A 93 5.52 -31.27 6.36
C ALA A 93 6.51 -30.58 7.27
N MET A 94 6.02 -29.65 8.08
CA MET A 94 6.85 -28.91 9.02
C MET A 94 6.76 -29.54 10.40
N HIS A 95 7.91 -29.97 10.93
CA HIS A 95 7.97 -30.59 12.24
C HIS A 95 9.24 -30.19 12.97
N ASN A 96 9.08 -29.55 14.12
CA ASN A 96 10.19 -29.08 14.95
C ASN A 96 11.19 -28.22 14.18
N GLY A 97 10.69 -27.33 13.34
CA GLY A 97 11.53 -26.38 12.64
C GLY A 97 12.26 -26.95 11.44
N GLN A 98 11.86 -28.15 11.02
CA GLN A 98 12.43 -28.77 9.83
C GLN A 98 11.34 -29.14 8.83
N ALA A 99 11.64 -28.92 7.55
CA ALA A 99 10.71 -29.28 6.47
C ALA A 99 11.01 -30.69 5.98
N TYR A 100 10.00 -31.56 6.04
CA TYR A 100 10.18 -32.96 5.69
C TYR A 100 9.51 -33.33 4.37
N GLN A 101 10.11 -34.29 3.65
CA GLN A 101 9.46 -34.90 2.50
C GLN A 101 8.25 -35.70 2.99
N PHE A 102 7.21 -35.77 2.17
CA PHE A 102 5.93 -36.29 2.62
C PHE A 102 5.10 -36.76 1.43
N PRO A 103 4.30 -37.83 1.61
CA PRO A 103 4.09 -38.60 2.84
C PRO A 103 5.13 -39.71 3.04
N MET A 104 4.66 -40.91 3.38
CA MET A 104 5.57 -42.02 3.66
C MET A 104 6.37 -42.40 2.43
N GLY A 105 7.69 -42.30 2.57
CA GLY A 105 8.61 -42.63 1.50
C GLY A 105 10.01 -42.68 2.07
N LEU A 106 10.99 -42.94 1.21
CA LEU A 106 12.38 -43.02 1.65
C LEU A 106 12.89 -41.64 2.04
N GLY A 107 12.24 -40.60 1.52
CA GLY A 107 12.60 -39.24 1.84
C GLY A 107 12.26 -38.92 3.29
N LEU A 108 11.01 -39.18 3.66
CA LEU A 108 10.54 -38.95 5.03
C LEU A 108 11.33 -39.78 6.03
N VAL A 109 11.52 -41.06 5.70
CA VAL A 109 12.22 -41.98 6.58
C VAL A 109 13.67 -41.56 6.82
N SER A 110 14.41 -41.30 5.74
CA SER A 110 15.82 -40.95 5.85
C SER A 110 16.05 -39.63 6.58
N GLN A 111 15.14 -38.68 6.40
CA GLN A 111 15.24 -37.40 7.10
C GLN A 111 14.99 -37.58 8.59
N PHE A 112 13.83 -38.12 8.92
CA PHE A 112 13.40 -38.24 10.30
C PHE A 112 14.30 -39.17 11.12
N PHE A 113 14.84 -40.20 10.49
CA PHE A 113 15.65 -41.19 11.21
C PHE A 113 17.15 -40.94 11.05
N GLY A 114 17.51 -39.88 10.32
CA GLY A 114 18.89 -39.41 10.30
C GLY A 114 19.86 -40.05 9.33
N LYS A 115 19.47 -41.15 8.71
CA LYS A 115 20.35 -41.81 7.74
C LYS A 115 19.56 -42.47 6.61
N TYR A 116 20.24 -42.74 5.50
CA TYR A 116 19.59 -43.34 4.34
C TYR A 116 19.19 -44.80 4.57
N PHE A 117 17.91 -45.10 4.37
CA PHE A 117 17.41 -46.48 4.42
C PHE A 117 17.08 -46.98 3.01
N THR A 118 17.59 -48.14 2.66
CA THR A 118 17.22 -48.78 1.40
C THR A 118 15.74 -49.17 1.46
N PRO A 119 15.10 -49.33 0.29
CA PRO A 119 13.71 -49.80 0.26
C PRO A 119 13.47 -51.03 1.14
N GLU A 120 14.41 -51.96 1.15
CA GLU A 120 14.29 -53.15 1.96
C GLU A 120 14.46 -52.82 3.44
N GLN A 121 15.49 -52.03 3.77
CA GLN A 121 15.74 -51.61 5.14
C GLN A 121 14.60 -50.77 5.69
N ALA A 122 13.97 -49.99 4.81
CA ALA A 122 12.84 -49.16 5.22
C ALA A 122 11.64 -50.01 5.58
N ARG A 123 11.40 -51.06 4.80
CA ARG A 123 10.28 -51.96 5.06
C ARG A 123 10.45 -52.68 6.38
N GLN A 124 11.69 -53.05 6.69
CA GLN A 124 11.98 -53.74 7.94
C GLN A 124 11.78 -52.81 9.14
N LEU A 125 12.31 -51.60 9.02
CA LEU A 125 12.23 -50.62 10.10
C LEU A 125 10.78 -50.32 10.49
N ILE A 126 9.93 -50.10 9.48
CA ILE A 126 8.53 -49.77 9.74
C ILE A 126 7.78 -50.99 10.28
N ALA A 127 8.12 -52.17 9.77
CA ALA A 127 7.50 -53.41 10.24
C ALA A 127 7.72 -53.60 11.74
N GLU A 128 8.92 -53.23 12.21
CA GLU A 128 9.23 -53.30 13.63
C GLU A 128 8.39 -52.30 14.43
N GLN A 129 8.27 -51.10 13.89
CA GLN A 129 7.56 -50.02 14.57
C GLN A 129 6.04 -50.12 14.41
N ALA A 130 5.59 -51.05 13.55
CA ALA A 130 4.17 -51.26 13.34
C ALA A 130 3.73 -52.60 13.91
N ALA A 131 4.50 -53.11 14.86
CA ALA A 131 4.30 -54.45 15.40
C ALA A 131 3.04 -54.56 16.27
N GLU A 132 2.66 -53.46 16.90
CA GLU A 132 1.55 -53.48 17.86
C GLU A 132 0.17 -53.68 17.22
N ILE A 133 0.10 -53.59 15.89
CA ILE A 133 -1.17 -53.78 15.18
C ILE A 133 -0.95 -54.14 13.70
N ASP A 134 -1.70 -55.12 13.22
CA ASP A 134 -1.67 -55.48 11.80
C ASP A 134 -2.72 -54.69 11.03
N THR A 135 -2.42 -54.37 9.77
CA THR A 135 -3.24 -53.48 8.97
C THR A 135 -4.66 -54.00 8.73
N ALA A 136 -4.82 -55.31 8.66
CA ALA A 136 -6.12 -55.91 8.41
C ALA A 136 -7.06 -55.74 9.59
N ASP A 137 -6.49 -55.71 10.80
CA ASP A 137 -7.28 -55.62 12.01
C ASP A 137 -7.45 -54.17 12.47
N ALA A 138 -7.11 -53.23 11.58
CA ALA A 138 -7.19 -51.82 11.92
C ALA A 138 -8.63 -51.32 11.88
N GLN A 139 -9.10 -50.82 13.02
CA GLN A 139 -10.49 -50.39 13.16
C GLN A 139 -10.64 -48.89 12.99
N ASN A 140 -9.70 -48.14 13.55
CA ASN A 140 -9.74 -46.69 13.53
C ASN A 140 -8.53 -46.05 12.87
N LEU A 141 -8.46 -44.72 12.93
CA LEU A 141 -7.39 -43.96 12.31
C LEU A 141 -6.04 -44.20 12.98
N GLU A 142 -6.02 -44.16 14.31
CA GLU A 142 -4.78 -44.31 15.07
C GLU A 142 -4.14 -45.67 14.83
N GLU A 143 -4.94 -46.72 14.85
CA GLU A 143 -4.42 -48.07 14.67
C GLU A 143 -3.95 -48.27 13.23
N LYS A 144 -4.72 -47.80 12.27
CA LYS A 144 -4.39 -47.95 10.86
C LYS A 144 -3.12 -47.19 10.49
N ALA A 145 -2.98 -45.97 11.04
CA ALA A 145 -1.81 -45.15 10.75
C ALA A 145 -0.53 -45.80 11.27
N ILE A 146 -0.55 -46.26 12.52
CA ILE A 146 0.61 -46.90 13.12
C ILE A 146 0.95 -48.20 12.37
N SER A 147 -0.08 -48.91 11.91
CA SER A 147 0.13 -50.16 11.17
C SER A 147 0.76 -49.94 9.80
N LEU A 148 0.75 -48.68 9.34
CA LEU A 148 1.23 -48.37 8.00
C LEU A 148 2.54 -47.59 8.01
N ILE A 149 2.74 -46.75 9.03
CA ILE A 149 3.92 -45.90 9.07
C ILE A 149 4.71 -46.05 10.37
N GLY A 150 4.15 -46.77 11.35
CA GLY A 150 4.81 -46.98 12.62
C GLY A 150 4.48 -45.90 13.62
N ARG A 151 4.70 -46.20 14.89
CA ARG A 151 4.33 -45.27 15.97
C ARG A 151 5.19 -44.00 16.04
N PRO A 152 6.52 -44.09 15.84
CA PRO A 152 7.30 -42.85 15.86
C PRO A 152 6.86 -41.83 14.81
N LEU A 153 6.60 -42.28 13.59
CA LEU A 153 6.16 -41.41 12.52
C LEU A 153 4.72 -40.94 12.76
N TYR A 154 3.90 -41.82 13.32
CA TYR A 154 2.53 -41.46 13.69
C TYR A 154 2.54 -40.34 14.72
N GLU A 155 3.47 -40.45 15.67
CA GLU A 155 3.60 -39.48 16.75
C GLU A 155 3.98 -38.10 16.23
N ALA A 156 4.83 -38.08 15.20
CA ALA A 156 5.44 -36.83 14.76
C ALA A 156 4.69 -36.13 13.63
N PHE A 157 3.92 -36.87 12.83
CA PHE A 157 3.30 -36.28 11.65
C PHE A 157 1.79 -36.50 11.54
N VAL A 158 1.24 -37.40 12.35
CA VAL A 158 -0.17 -37.70 12.25
C VAL A 158 -0.96 -37.26 13.49
N LYS A 159 -0.48 -37.66 14.66
CA LYS A 159 -1.18 -37.42 15.92
C LYS A 159 -1.50 -35.93 16.15
N GLY A 160 -0.51 -35.07 15.96
CA GLY A 160 -0.69 -33.64 16.13
C GLY A 160 -1.59 -33.01 15.09
N TYR A 161 -1.33 -33.30 13.82
CA TYR A 161 -2.14 -32.77 12.71
C TYR A 161 -3.59 -33.18 12.87
N THR A 162 -3.81 -34.45 13.20
CA THR A 162 -5.15 -34.99 13.36
C THR A 162 -5.89 -34.31 14.49
N ALA A 163 -5.16 -33.91 15.53
CA ALA A 163 -5.74 -33.20 16.67
C ALA A 163 -6.29 -31.84 16.25
N LYS A 164 -5.52 -31.10 15.47
CA LYS A 164 -5.93 -29.77 15.03
C LYS A 164 -7.06 -29.84 14.01
N GLN A 165 -7.02 -30.87 13.16
CA GLN A 165 -7.98 -30.99 12.07
C GLN A 165 -9.33 -31.54 12.52
N TRP A 166 -9.30 -32.39 13.54
CA TRP A 166 -10.52 -33.08 13.96
C TRP A 166 -10.94 -32.76 15.38
N GLN A 167 -9.95 -32.53 16.26
CA GLN A 167 -10.21 -32.37 17.68
C GLN A 167 -11.03 -33.54 18.20
N THR A 168 -10.69 -34.72 17.72
CA THR A 168 -11.38 -35.94 18.09
C THR A 168 -10.35 -37.05 18.29
N ASP A 169 -10.56 -37.89 19.30
CA ASP A 169 -9.69 -39.02 19.57
C ASP A 169 -9.50 -39.85 18.30
N PRO A 170 -8.24 -40.06 17.90
CA PRO A 170 -7.91 -40.80 16.68
C PRO A 170 -8.34 -42.27 16.73
N LYS A 171 -8.76 -42.73 17.90
CA LYS A 171 -9.28 -44.08 18.06
C LYS A 171 -10.76 -44.10 17.71
N GLU A 172 -11.35 -42.91 17.56
CA GLU A 172 -12.76 -42.78 17.22
C GLU A 172 -12.96 -42.34 15.77
N LEU A 173 -11.85 -41.98 15.11
CA LEU A 173 -11.91 -41.55 13.72
C LEU A 173 -11.75 -42.74 12.78
N PRO A 174 -12.46 -42.72 11.64
CA PRO A 174 -12.39 -43.78 10.64
C PRO A 174 -10.98 -43.99 10.09
N ALA A 175 -10.66 -45.22 9.74
CA ALA A 175 -9.34 -45.55 9.19
C ALA A 175 -9.20 -45.04 7.75
N ALA A 176 -10.33 -44.80 7.10
CA ALA A 176 -10.33 -44.35 5.71
C ALA A 176 -9.68 -42.99 5.55
N ASN A 177 -9.70 -42.20 6.63
CA ASN A 177 -9.14 -40.85 6.61
C ASN A 177 -7.63 -40.86 6.39
N ILE A 178 -6.93 -41.77 7.06
CA ILE A 178 -5.49 -41.81 6.95
C ILE A 178 -5.03 -42.58 5.71
N THR A 179 -5.89 -43.46 5.19
CA THR A 179 -5.55 -44.22 3.99
C THR A 179 -5.80 -43.41 2.72
N ARG A 180 -6.19 -42.15 2.90
CA ARG A 180 -6.25 -41.22 1.77
C ARG A 180 -4.84 -40.91 1.32
N LEU A 181 -3.90 -41.01 2.26
CA LEU A 181 -2.50 -40.76 1.99
C LEU A 181 -1.80 -42.04 1.53
N PRO A 182 -1.03 -41.94 0.43
CA PRO A 182 -0.27 -43.09 -0.08
C PRO A 182 0.87 -43.49 0.85
N VAL A 183 1.14 -44.79 0.93
CA VAL A 183 2.24 -45.30 1.74
C VAL A 183 3.26 -45.98 0.84
N ARG A 184 4.42 -45.36 0.68
CA ARG A 184 5.40 -45.84 -0.27
C ARG A 184 6.75 -46.17 0.37
N TYR A 185 7.56 -46.94 -0.34
CA TYR A 185 8.92 -47.21 0.08
C TYR A 185 9.89 -46.86 -1.04
N THR A 186 9.53 -45.79 -1.76
CA THR A 186 10.38 -45.19 -2.77
C THR A 186 10.56 -43.71 -2.44
N PHE A 187 11.24 -42.99 -3.31
CA PHE A 187 11.42 -41.55 -3.12
C PHE A 187 10.31 -40.74 -3.80
N ASP A 188 9.26 -41.43 -4.24
CA ASP A 188 8.11 -40.78 -4.86
C ASP A 188 7.30 -40.02 -3.80
N ASN A 189 7.36 -38.69 -3.85
CA ASN A 189 6.65 -37.86 -2.88
C ASN A 189 5.42 -37.18 -3.50
N ARG A 190 4.79 -37.84 -4.45
CA ARG A 190 3.53 -37.35 -4.99
C ARG A 190 2.44 -37.59 -3.96
N TYR A 191 1.65 -36.56 -3.68
CA TYR A 191 0.70 -36.64 -2.58
C TYR A 191 -0.48 -37.53 -2.95
N PHE A 192 -0.69 -37.70 -4.26
CA PHE A 192 -1.74 -38.59 -4.74
C PHE A 192 -1.12 -39.75 -5.52
N SER A 193 -1.93 -40.75 -5.83
CA SER A 193 -1.45 -41.90 -6.59
C SER A 193 -2.49 -42.33 -7.63
N ASP A 194 -3.05 -41.35 -8.33
CA ASP A 194 -3.99 -41.63 -9.41
C ASP A 194 -3.31 -41.51 -10.78
N THR A 195 -3.91 -42.13 -11.79
CA THR A 195 -3.38 -42.11 -13.14
C THR A 195 -3.39 -40.71 -13.73
N TYR A 196 -4.50 -40.01 -13.54
CA TYR A 196 -4.70 -38.68 -14.12
C TYR A 196 -4.73 -37.60 -13.05
N GLU A 197 -4.09 -36.47 -13.32
CA GLU A 197 -3.97 -35.40 -12.34
C GLU A 197 -3.64 -34.08 -13.02
N GLY A 198 -4.07 -32.98 -12.43
CA GLY A 198 -3.74 -31.66 -12.95
C GLY A 198 -4.66 -30.56 -12.46
N LEU A 199 -4.27 -29.32 -12.74
CA LEU A 199 -5.10 -28.18 -12.40
C LEU A 199 -5.80 -27.65 -13.64
N PRO A 200 -7.02 -27.13 -13.47
CA PRO A 200 -7.73 -26.53 -14.61
C PRO A 200 -6.92 -25.39 -15.20
N THR A 201 -6.61 -25.46 -16.49
CA THR A 201 -5.73 -24.50 -17.15
C THR A 201 -6.24 -23.07 -16.98
N ASP A 202 -7.53 -22.85 -17.21
CA ASP A 202 -8.09 -21.51 -17.10
C ASP A 202 -8.74 -21.27 -15.75
N GLY A 203 -8.47 -22.15 -14.79
CA GLY A 203 -9.00 -22.01 -13.45
C GLY A 203 -10.27 -22.80 -13.20
N TYR A 204 -10.64 -22.93 -11.94
CA TYR A 204 -11.81 -23.71 -11.56
C TYR A 204 -13.14 -23.07 -11.97
N THR A 205 -13.26 -21.77 -11.82
CA THR A 205 -14.51 -21.08 -12.11
C THR A 205 -14.89 -21.20 -13.59
N ALA A 206 -13.90 -21.06 -14.47
CA ALA A 206 -14.11 -21.26 -15.90
C ALA A 206 -14.63 -22.67 -16.20
N TRP A 207 -13.96 -23.66 -15.62
CA TRP A 207 -14.38 -25.05 -15.68
C TRP A 207 -15.84 -25.20 -15.26
N LEU A 208 -16.17 -24.69 -14.08
CA LEU A 208 -17.52 -24.80 -13.54
C LEU A 208 -18.53 -24.10 -14.42
N GLN A 209 -18.17 -22.91 -14.90
CA GLN A 209 -19.09 -22.14 -15.72
C GLN A 209 -19.36 -22.83 -17.06
N ASN A 210 -18.42 -23.64 -17.51
CA ASN A 210 -18.62 -24.39 -18.76
C ASN A 210 -19.56 -25.57 -18.59
N MET A 211 -19.62 -26.12 -17.38
CA MET A 211 -20.52 -27.23 -17.12
C MET A 211 -21.96 -26.75 -17.02
N ALA A 212 -22.15 -25.54 -16.50
CA ALA A 212 -23.49 -24.97 -16.35
C ALA A 212 -23.86 -24.04 -17.50
N ALA A 213 -23.11 -24.10 -18.59
CA ALA A 213 -23.25 -23.14 -19.68
C ALA A 213 -24.50 -23.37 -20.54
N ASP A 214 -24.97 -24.62 -20.59
CA ASP A 214 -26.06 -25.01 -21.48
C ASP A 214 -27.33 -24.18 -21.26
N HIS A 215 -28.04 -23.90 -22.35
CA HIS A 215 -29.19 -22.98 -22.28
C HIS A 215 -30.38 -23.59 -21.55
N ARG A 216 -30.39 -24.91 -21.42
CA ARG A 216 -31.46 -25.60 -20.73
C ARG A 216 -31.22 -25.66 -19.22
N ILE A 217 -30.07 -25.13 -18.79
CA ILE A 217 -29.73 -25.08 -17.38
C ILE A 217 -29.83 -23.66 -16.84
N GLU A 218 -30.67 -23.46 -15.83
CA GLU A 218 -30.76 -22.17 -15.17
C GLU A 218 -30.24 -22.26 -13.75
N VAL A 219 -29.32 -21.36 -13.41
CA VAL A 219 -28.75 -21.33 -12.07
C VAL A 219 -29.16 -20.06 -11.33
N ARG A 220 -29.76 -20.22 -10.16
CA ARG A 220 -30.16 -19.08 -9.36
C ARG A 220 -29.31 -18.96 -8.11
N LEU A 221 -28.36 -18.04 -8.14
CA LEU A 221 -27.50 -17.78 -7.00
C LEU A 221 -28.30 -17.10 -5.90
N ASN A 222 -27.74 -17.06 -4.70
CA ASN A 222 -28.37 -16.38 -3.58
C ASN A 222 -29.78 -16.89 -3.30
N THR A 223 -29.96 -18.20 -3.40
CA THR A 223 -31.29 -18.79 -3.25
C THR A 223 -31.24 -20.10 -2.45
N ASP A 224 -31.89 -20.10 -1.30
CA ASP A 224 -32.02 -21.31 -0.51
C ASP A 224 -33.24 -22.09 -0.97
N TRP A 225 -33.05 -23.39 -1.19
CA TRP A 225 -34.11 -24.27 -1.68
C TRP A 225 -35.32 -24.27 -0.76
N PHE A 226 -35.05 -24.20 0.54
CA PHE A 226 -36.11 -24.25 1.53
C PHE A 226 -37.01 -23.01 1.49
N ASP A 227 -36.47 -21.91 0.97
CA ASP A 227 -37.22 -20.66 0.85
C ASP A 227 -38.20 -20.68 -0.32
N VAL A 228 -37.91 -21.51 -1.33
CA VAL A 228 -38.63 -21.42 -2.59
C VAL A 228 -39.24 -22.73 -3.08
N ARG A 229 -38.98 -23.83 -2.37
CA ARG A 229 -39.47 -25.14 -2.83
C ARG A 229 -40.99 -25.21 -2.75
N GLY A 230 -41.57 -24.45 -1.82
CA GLY A 230 -43.01 -24.37 -1.71
C GLY A 230 -43.62 -23.74 -2.94
N GLN A 231 -42.92 -22.76 -3.51
CA GLN A 231 -43.41 -22.03 -4.66
C GLN A 231 -43.06 -22.73 -5.98
N LEU A 232 -41.89 -23.35 -6.03
CA LEU A 232 -41.36 -23.91 -7.28
C LEU A 232 -42.00 -25.23 -7.68
N ARG A 233 -42.01 -26.19 -6.77
CA ARG A 233 -42.44 -27.56 -7.07
C ARG A 233 -43.85 -27.68 -7.66
N PRO A 234 -44.82 -26.88 -7.17
CA PRO A 234 -46.13 -26.99 -7.86
C PRO A 234 -46.07 -26.50 -9.31
N GLY A 235 -45.05 -25.72 -9.66
CA GLY A 235 -44.86 -25.27 -11.02
C GLY A 235 -44.40 -26.40 -11.93
N SER A 236 -43.73 -27.38 -11.33
CA SER A 236 -43.29 -28.57 -12.05
C SER A 236 -43.41 -29.79 -11.14
N PRO A 237 -44.64 -30.26 -10.92
CA PRO A 237 -44.96 -31.32 -9.94
C PRO A 237 -44.27 -32.65 -10.24
N ALA A 238 -44.09 -32.96 -11.51
CA ALA A 238 -43.49 -34.24 -11.89
C ALA A 238 -41.98 -34.24 -11.75
N ALA A 239 -41.39 -33.05 -11.62
CA ALA A 239 -39.95 -32.90 -11.57
C ALA A 239 -39.37 -33.39 -10.24
N PRO A 240 -38.39 -34.30 -10.32
CA PRO A 240 -37.67 -34.79 -9.14
C PRO A 240 -36.76 -33.71 -8.56
N VAL A 241 -36.16 -33.98 -7.40
CA VAL A 241 -35.25 -33.03 -6.79
C VAL A 241 -33.96 -33.73 -6.37
N VAL A 242 -32.83 -33.22 -6.87
CA VAL A 242 -31.52 -33.71 -6.45
C VAL A 242 -30.93 -32.73 -5.44
N TYR A 243 -30.78 -33.19 -4.20
CA TYR A 243 -30.33 -32.34 -3.11
C TYR A 243 -28.90 -32.71 -2.68
N THR A 244 -28.03 -31.70 -2.62
CA THR A 244 -26.63 -31.94 -2.27
C THR A 244 -26.19 -31.08 -1.09
N GLY A 245 -27.16 -30.51 -0.38
CA GLY A 245 -26.86 -29.79 0.85
C GLY A 245 -26.63 -30.76 1.99
N PRO A 246 -26.40 -30.23 3.20
CA PRO A 246 -26.23 -31.06 4.39
C PRO A 246 -27.43 -31.96 4.64
N LEU A 247 -27.17 -33.26 4.78
CA LEU A 247 -28.24 -34.27 4.91
C LEU A 247 -29.07 -34.09 6.17
N ASP A 248 -28.39 -33.82 7.29
CA ASP A 248 -29.10 -33.64 8.57
C ASP A 248 -29.88 -32.34 8.58
N ARG A 249 -29.37 -31.31 7.92
CA ARG A 249 -30.05 -30.01 7.88
C ARG A 249 -31.36 -30.13 7.11
N TYR A 250 -31.38 -31.02 6.13
CA TYR A 250 -32.58 -31.22 5.32
C TYR A 250 -33.78 -31.61 6.17
N PHE A 251 -33.54 -32.49 7.14
CA PHE A 251 -34.61 -32.95 8.01
C PHE A 251 -34.63 -32.16 9.32
N ASP A 252 -34.16 -30.92 9.26
CA ASP A 252 -34.19 -29.99 10.38
C ASP A 252 -33.53 -30.55 11.63
N TYR A 253 -32.53 -31.40 11.42
CA TYR A 253 -31.76 -32.02 12.50
C TYR A 253 -32.65 -32.80 13.47
N ALA A 254 -33.79 -33.26 12.98
CA ALA A 254 -34.82 -33.87 13.82
C ALA A 254 -34.37 -35.18 14.48
N GLU A 255 -33.29 -35.77 13.98
CA GLU A 255 -32.79 -37.02 14.56
C GLU A 255 -31.54 -36.78 15.40
N GLY A 256 -30.99 -35.57 15.29
CA GLY A 256 -29.76 -35.23 15.99
C GLY A 256 -28.78 -34.52 15.07
N ARG A 257 -27.71 -33.99 15.66
CA ARG A 257 -26.71 -33.23 14.92
C ARG A 257 -25.53 -34.10 14.50
N LEU A 258 -25.37 -34.30 13.19
CA LEU A 258 -24.20 -34.98 12.66
C LEU A 258 -22.94 -34.17 12.95
N GLY A 259 -21.85 -34.87 13.26
CA GLY A 259 -20.59 -34.20 13.52
C GLY A 259 -19.92 -33.73 12.26
N TRP A 260 -19.72 -32.42 12.14
CA TRP A 260 -19.02 -31.86 10.99
C TRP A 260 -17.80 -31.07 11.42
N ARG A 261 -16.86 -30.89 10.50
CA ARG A 261 -15.76 -29.96 10.71
C ARG A 261 -15.87 -28.86 9.67
N THR A 262 -15.64 -27.62 10.10
CA THR A 262 -15.66 -26.48 9.18
C THR A 262 -14.31 -25.80 9.17
N LEU A 263 -14.10 -24.91 8.20
CA LEU A 263 -12.81 -24.27 8.03
C LEU A 263 -12.89 -22.75 7.98
N ASP A 264 -11.89 -22.11 8.58
CA ASP A 264 -11.72 -20.67 8.49
C ASP A 264 -10.39 -20.37 7.83
N PHE A 265 -10.37 -19.40 6.94
CA PHE A 265 -9.16 -19.10 6.18
C PHE A 265 -8.67 -17.69 6.43
N GLU A 266 -7.36 -17.52 6.41
CA GLU A 266 -6.74 -16.20 6.46
C GLU A 266 -5.94 -15.98 5.18
N VAL A 267 -6.35 -15.02 4.37
CA VAL A 267 -5.67 -14.72 3.12
C VAL A 267 -4.82 -13.46 3.28
N GLU A 268 -3.55 -13.56 2.93
CA GLU A 268 -2.63 -12.45 3.09
C GLU A 268 -1.69 -12.28 1.90
N VAL A 269 -1.68 -11.08 1.33
CA VAL A 269 -0.72 -10.75 0.27
C VAL A 269 0.55 -10.21 0.90
N LEU A 270 1.68 -10.85 0.60
CA LEU A 270 2.96 -10.48 1.18
C LEU A 270 3.81 -9.68 0.20
N PRO A 271 4.56 -8.69 0.71
CA PRO A 271 5.45 -7.85 -0.11
C PRO A 271 6.71 -8.57 -0.60
N ILE A 272 6.80 -9.88 -0.41
CA ILE A 272 7.88 -10.68 -0.97
C ILE A 272 7.34 -11.58 -2.08
N GLY A 273 8.23 -12.14 -2.89
CA GLY A 273 7.82 -12.95 -4.02
C GLY A 273 7.54 -14.41 -3.71
N ASP A 274 8.09 -14.91 -2.62
CA ASP A 274 8.00 -16.33 -2.31
C ASP A 274 8.04 -16.57 -0.80
N PHE A 275 6.99 -17.20 -0.27
CA PHE A 275 6.85 -17.38 1.16
C PHE A 275 7.44 -18.70 1.68
N GLN A 276 7.12 -19.80 1.00
CA GLN A 276 7.57 -21.11 1.48
C GLN A 276 8.14 -21.99 0.37
N GLY A 277 8.13 -21.49 -0.86
CA GLY A 277 8.76 -22.17 -1.98
C GLY A 277 8.10 -23.48 -2.40
N THR A 278 6.82 -23.62 -2.08
CA THR A 278 6.05 -24.81 -2.45
C THR A 278 4.56 -24.52 -2.24
N ALA A 279 3.70 -25.29 -2.91
CA ALA A 279 2.27 -24.99 -2.93
C ALA A 279 1.60 -25.16 -1.56
N VAL A 280 1.79 -26.32 -0.95
CA VAL A 280 1.19 -26.57 0.36
C VAL A 280 2.23 -27.05 1.37
N MET A 281 2.27 -26.36 2.51
CA MET A 281 3.15 -26.75 3.61
C MET A 281 2.30 -27.14 4.82
N ASN A 282 2.35 -28.42 5.19
CA ASN A 282 1.61 -28.87 6.37
C ASN A 282 2.33 -28.46 7.64
N TYR A 283 1.56 -28.20 8.69
CA TYR A 283 2.13 -27.90 10.00
C TYR A 283 1.66 -28.92 11.03
N ASN A 284 2.55 -29.86 11.35
CA ASN A 284 2.19 -31.01 12.17
C ASN A 284 2.34 -30.77 13.67
N ASP A 285 3.00 -29.68 14.04
CA ASP A 285 3.21 -29.36 15.45
C ASP A 285 2.04 -28.59 16.04
N LEU A 286 1.73 -28.86 17.29
CA LEU A 286 0.58 -28.25 17.97
C LEU A 286 0.87 -26.83 18.45
N ASP A 287 2.12 -26.38 18.28
CA ASP A 287 2.51 -25.05 18.75
C ASP A 287 2.09 -23.98 17.77
N VAL A 288 1.37 -24.39 16.73
CA VAL A 288 0.83 -23.47 15.73
C VAL A 288 -0.65 -23.81 15.51
N PRO A 289 -1.51 -22.79 15.41
CA PRO A 289 -2.96 -22.99 15.37
C PRO A 289 -3.49 -23.54 14.04
N TYR A 290 -2.82 -23.24 12.94
CA TYR A 290 -3.31 -23.67 11.63
C TYR A 290 -2.81 -25.05 11.23
N THR A 291 -3.54 -25.74 10.36
CA THR A 291 -3.15 -27.07 9.91
C THR A 291 -2.09 -27.00 8.81
N ARG A 292 -2.24 -26.03 7.91
CA ARG A 292 -1.32 -25.89 6.78
C ARG A 292 -1.38 -24.50 6.17
N ILE A 293 -0.43 -24.22 5.27
CA ILE A 293 -0.40 -22.96 4.54
C ILE A 293 -0.30 -23.19 3.04
N HIS A 294 -1.16 -22.50 2.27
CA HIS A 294 -1.15 -22.58 0.82
C HIS A 294 -0.45 -21.37 0.22
N GLU A 295 0.44 -21.58 -0.75
CA GLU A 295 0.98 -20.47 -1.53
C GLU A 295 0.60 -20.69 -2.99
N PHE A 296 -0.42 -19.97 -3.43
CA PHE A 296 -1.11 -20.30 -4.68
C PHE A 296 -0.31 -20.03 -5.95
N ARG A 297 0.80 -19.32 -5.87
CA ARG A 297 1.61 -19.09 -7.05
C ARG A 297 2.25 -20.39 -7.52
N HIS A 298 2.49 -21.30 -6.58
CA HIS A 298 3.17 -22.56 -6.89
C HIS A 298 2.21 -23.59 -7.48
N PHE A 299 0.92 -23.28 -7.47
CA PHE A 299 -0.09 -24.14 -8.09
C PHE A 299 0.01 -24.06 -9.60
N HIS A 300 0.35 -22.88 -10.11
CA HIS A 300 0.45 -22.64 -11.54
C HIS A 300 1.79 -22.02 -11.93
N PRO A 301 2.85 -22.83 -11.95
CA PRO A 301 4.18 -22.34 -12.34
C PRO A 301 4.26 -22.02 -13.83
N GLU A 302 3.40 -22.65 -14.62
CA GLU A 302 3.35 -22.39 -16.07
C GLU A 302 2.92 -20.96 -16.36
N ARG A 303 2.17 -20.37 -15.44
CA ARG A 303 1.86 -18.94 -15.53
C ARG A 303 3.01 -18.18 -14.89
N ASP A 304 3.30 -17.00 -15.41
CA ASP A 304 4.36 -16.18 -14.84
C ASP A 304 3.75 -15.01 -14.09
N TYR A 305 3.61 -15.20 -12.78
CA TYR A 305 3.11 -14.17 -11.89
C TYR A 305 4.23 -13.21 -11.52
N ARG A 306 3.86 -12.06 -10.97
CA ARG A 306 4.84 -11.09 -10.50
C ARG A 306 5.69 -11.68 -9.40
N THR A 307 6.94 -11.23 -9.28
CA THR A 307 7.88 -11.83 -8.36
C THR A 307 8.17 -10.95 -7.13
N ASP A 308 7.39 -9.89 -6.97
CA ASP A 308 7.56 -8.99 -5.83
C ASP A 308 6.46 -9.15 -4.79
N LYS A 309 5.41 -9.87 -5.16
CA LYS A 309 4.30 -10.14 -4.24
C LYS A 309 3.88 -11.60 -4.34
N THR A 310 3.13 -12.05 -3.35
CA THR A 310 2.62 -13.43 -3.32
C THR A 310 1.43 -13.56 -2.38
N VAL A 311 0.53 -14.49 -2.70
CA VAL A 311 -0.65 -14.72 -1.89
C VAL A 311 -0.51 -16.02 -1.10
N ILE A 312 -0.66 -15.94 0.22
CA ILE A 312 -0.67 -17.13 1.05
C ILE A 312 -1.99 -17.25 1.80
N MET A 313 -2.31 -18.48 2.21
CA MET A 313 -3.55 -18.72 2.93
C MET A 313 -3.34 -19.73 4.05
N ARG A 314 -3.63 -19.29 5.28
CA ARG A 314 -3.55 -20.16 6.44
C ARG A 314 -4.90 -20.83 6.67
N GLU A 315 -4.87 -22.12 6.95
CA GLU A 315 -6.09 -22.90 7.11
C GLU A 315 -6.33 -23.28 8.57
N TYR A 316 -7.50 -22.93 9.08
CA TYR A 316 -7.87 -23.22 10.47
C TYR A 316 -9.10 -24.14 10.51
N SER A 317 -9.08 -25.10 11.43
CA SER A 317 -10.16 -26.09 11.51
C SER A 317 -10.89 -26.04 12.84
N ARG A 318 -12.20 -26.25 12.80
CA ARG A 318 -13.02 -26.28 14.01
C ARG A 318 -14.35 -27.00 13.74
N PHE A 319 -15.11 -27.25 14.81
CA PHE A 319 -16.42 -27.88 14.67
C PHE A 319 -17.40 -26.94 13.99
N ALA A 320 -18.23 -27.49 13.11
CA ALA A 320 -19.23 -26.70 12.39
C ALA A 320 -20.45 -26.43 13.25
N GLU A 321 -20.82 -25.17 13.38
CA GLU A 321 -21.99 -24.77 14.14
C GLU A 321 -23.24 -24.79 13.27
N ASP A 322 -24.37 -24.40 13.84
CA ASP A 322 -25.65 -24.49 13.14
C ASP A 322 -25.74 -23.50 11.98
N ASP A 323 -24.92 -22.45 12.03
CA ASP A 323 -24.91 -21.44 10.98
C ASP A 323 -23.70 -21.60 10.06
N ASP A 324 -22.78 -22.48 10.46
CA ASP A 324 -21.56 -22.71 9.69
C ASP A 324 -21.82 -23.52 8.43
N GLU A 325 -20.86 -23.48 7.51
CA GLU A 325 -20.88 -24.37 6.35
C GLU A 325 -20.01 -25.58 6.65
N PRO A 326 -20.60 -26.77 6.56
CA PRO A 326 -19.87 -28.01 6.81
C PRO A 326 -18.90 -28.37 5.69
N TYR A 327 -17.66 -28.73 6.06
CA TYR A 327 -16.65 -29.12 5.08
C TYR A 327 -16.33 -30.61 5.14
N TYR A 328 -16.11 -31.12 6.35
CA TYR A 328 -15.76 -32.53 6.54
C TYR A 328 -16.78 -33.27 7.41
N PRO A 329 -17.19 -34.46 6.97
CA PRO A 329 -17.94 -35.36 7.85
C PRO A 329 -16.99 -36.09 8.80
N ILE A 330 -17.29 -36.07 10.10
CA ILE A 330 -16.40 -36.68 11.08
C ILE A 330 -16.54 -38.20 11.08
N ASN A 331 -17.78 -38.67 10.99
CA ASN A 331 -18.09 -40.09 10.84
C ASN A 331 -17.57 -41.00 11.94
N THR A 332 -17.81 -40.64 13.19
CA THR A 332 -17.54 -41.53 14.33
C THR A 332 -18.60 -42.62 14.38
N GLU A 333 -18.49 -43.51 15.35
CA GLU A 333 -19.51 -44.54 15.56
C GLU A 333 -20.87 -43.91 15.79
N ALA A 334 -20.91 -42.90 16.66
CA ALA A 334 -22.15 -42.18 16.93
C ALA A 334 -22.67 -41.49 15.66
N ASP A 335 -21.76 -40.95 14.87
CA ASP A 335 -22.14 -40.29 13.62
C ASP A 335 -22.70 -41.28 12.60
N ARG A 336 -22.04 -42.42 12.47
CA ARG A 336 -22.49 -43.46 11.54
C ARG A 336 -23.84 -44.02 11.95
N ALA A 337 -24.08 -44.09 13.26
CA ALA A 337 -25.36 -44.55 13.78
C ALA A 337 -26.47 -43.57 13.42
N LEU A 338 -26.19 -42.29 13.61
CA LEU A 338 -27.14 -41.23 13.29
C LEU A 338 -27.39 -41.16 11.78
N LEU A 339 -26.33 -41.37 11.01
CA LEU A 339 -26.41 -41.38 9.54
C LEU A 339 -27.37 -42.45 9.04
N ALA A 340 -27.31 -43.63 9.67
CA ALA A 340 -28.18 -44.75 9.32
C ALA A 340 -29.64 -44.36 9.42
N THR A 341 -29.94 -43.52 10.41
CA THR A 341 -31.30 -43.03 10.61
C THR A 341 -31.72 -42.12 9.47
N TYR A 342 -30.88 -41.12 9.19
CA TYR A 342 -31.16 -40.17 8.11
C TYR A 342 -31.25 -40.86 6.76
N ARG A 343 -30.43 -41.90 6.58
CA ARG A 343 -30.52 -42.73 5.38
C ARG A 343 -31.94 -43.25 5.19
N ALA A 344 -32.55 -43.69 6.28
CA ALA A 344 -33.92 -44.21 6.23
C ALA A 344 -34.92 -43.10 5.92
N ARG A 345 -34.75 -41.95 6.55
CA ARG A 345 -35.62 -40.81 6.29
C ARG A 345 -35.42 -40.28 4.87
N ALA A 346 -34.18 -40.32 4.40
CA ALA A 346 -33.88 -39.92 3.03
C ALA A 346 -34.50 -40.92 2.05
N LYS A 347 -34.41 -42.19 2.38
CA LYS A 347 -35.00 -43.25 1.56
C LYS A 347 -36.51 -43.07 1.47
N SER A 348 -37.11 -42.64 2.58
CA SER A 348 -38.55 -42.36 2.63
C SER A 348 -38.90 -41.15 1.77
N GLU A 349 -38.06 -40.12 1.82
CA GLU A 349 -38.31 -38.90 1.05
C GLU A 349 -38.25 -39.15 -0.45
N THR A 350 -37.45 -40.14 -0.85
CA THR A 350 -37.35 -40.49 -2.26
C THR A 350 -38.66 -41.06 -2.78
N ALA A 351 -39.34 -41.84 -1.94
CA ALA A 351 -40.57 -42.50 -2.34
C ALA A 351 -41.80 -41.60 -2.16
N SER A 352 -41.69 -40.59 -1.32
CA SER A 352 -42.83 -39.72 -1.03
C SER A 352 -42.91 -38.48 -1.91
N SER A 353 -41.77 -37.93 -2.30
CA SER A 353 -41.76 -36.72 -3.12
C SER A 353 -40.63 -36.66 -4.15
N LYS A 354 -40.07 -37.82 -4.48
CA LYS A 354 -39.01 -37.94 -5.49
C LYS A 354 -37.80 -37.05 -5.21
N VAL A 355 -37.29 -37.12 -3.98
CA VAL A 355 -36.13 -36.34 -3.58
C VAL A 355 -34.88 -37.21 -3.45
N LEU A 356 -33.87 -36.93 -4.26
CA LEU A 356 -32.62 -37.68 -4.24
C LEU A 356 -31.56 -37.00 -3.39
N PHE A 357 -30.61 -37.78 -2.89
CA PHE A 357 -29.54 -37.27 -2.04
C PHE A 357 -28.17 -37.69 -2.57
N GLY A 358 -27.29 -36.72 -2.77
CA GLY A 358 -25.97 -37.00 -3.30
C GLY A 358 -24.96 -35.95 -2.92
N GLY A 359 -23.70 -36.23 -3.20
CA GLY A 359 -22.62 -35.31 -2.92
C GLY A 359 -22.05 -35.49 -1.54
N ARG A 360 -20.98 -34.76 -1.27
CA ARG A 360 -20.29 -34.81 0.03
C ARG A 360 -21.22 -34.52 1.20
N LEU A 361 -22.00 -33.43 1.07
CA LEU A 361 -22.89 -33.02 2.15
C LEU A 361 -24.16 -33.87 2.21
N GLY A 362 -24.72 -34.16 1.04
CA GLY A 362 -25.97 -34.90 0.96
C GLY A 362 -25.88 -36.36 1.37
N THR A 363 -24.66 -36.86 1.58
CA THR A 363 -24.49 -38.26 1.92
C THR A 363 -23.55 -38.46 3.11
N TYR A 364 -23.07 -37.36 3.68
CA TYR A 364 -22.16 -37.37 4.83
C TYR A 364 -20.91 -38.20 4.52
N GLN A 365 -20.41 -38.07 3.29
CA GLN A 365 -19.27 -38.84 2.82
C GLN A 365 -18.05 -37.97 2.52
N TYR A 366 -16.89 -38.42 3.00
CA TYR A 366 -15.62 -37.76 2.73
C TYR A 366 -15.25 -37.90 1.25
N LEU A 367 -15.95 -37.16 0.39
CA LEU A 367 -15.78 -37.30 -1.06
C LEU A 367 -14.85 -36.25 -1.65
N ASP A 368 -14.05 -36.67 -2.63
CA ASP A 368 -13.25 -35.74 -3.43
C ASP A 368 -14.00 -35.37 -4.70
N MET A 369 -13.43 -34.46 -5.48
CA MET A 369 -14.07 -33.98 -6.70
C MET A 369 -14.38 -35.11 -7.67
N HIS A 370 -13.40 -35.97 -7.92
CA HIS A 370 -13.57 -37.06 -8.87
C HIS A 370 -14.58 -38.09 -8.37
N MET A 371 -14.55 -38.34 -7.06
N MET A 371 -14.57 -38.34 -7.05
CA MET A 371 -15.49 -39.26 -6.44
CA MET A 371 -15.51 -39.29 -6.49
C MET A 371 -16.90 -38.70 -6.50
C MET A 371 -16.92 -38.71 -6.45
N ALA A 372 -17.02 -37.39 -6.33
CA ALA A 372 -18.31 -36.71 -6.39
C ALA A 372 -18.87 -36.74 -7.81
N ILE A 373 -18.01 -36.53 -8.80
CA ILE A 373 -18.42 -36.56 -10.21
C ILE A 373 -18.78 -37.99 -10.63
N ALA A 374 -17.98 -38.95 -10.20
CA ALA A 374 -18.27 -40.36 -10.50
C ALA A 374 -19.59 -40.78 -9.89
N SER A 375 -19.82 -40.33 -8.65
CA SER A 375 -21.08 -40.61 -7.97
C SER A 375 -22.26 -40.03 -8.72
N ALA A 376 -22.11 -38.82 -9.24
CA ALA A 376 -23.18 -38.14 -9.95
C ALA A 376 -23.48 -38.85 -11.28
N LEU A 377 -22.44 -39.32 -11.94
CA LEU A 377 -22.61 -40.08 -13.17
C LEU A 377 -23.38 -41.36 -12.91
N ASN A 378 -23.06 -42.04 -11.80
CA ASN A 378 -23.76 -43.27 -11.43
C ASN A 378 -25.23 -43.02 -11.12
N MET A 379 -25.52 -41.93 -10.43
CA MET A 379 -26.90 -41.59 -10.11
C MET A 379 -27.66 -41.27 -11.39
N TYR A 380 -27.00 -40.60 -12.32
CA TYR A 380 -27.61 -40.32 -13.61
C TYR A 380 -27.90 -41.61 -14.35
N ASP A 381 -26.88 -42.44 -14.52
CA ASP A 381 -27.00 -43.69 -15.28
C ASP A 381 -28.02 -44.68 -14.72
N ASN A 382 -28.00 -44.86 -13.40
CA ASN A 382 -28.74 -45.94 -12.77
C ASN A 382 -30.08 -45.52 -12.17
N VAL A 383 -30.24 -44.23 -11.90
CA VAL A 383 -31.45 -43.76 -11.23
C VAL A 383 -32.18 -42.67 -12.03
N LEU A 384 -31.53 -41.54 -12.23
CA LEU A 384 -32.18 -40.36 -12.80
C LEU A 384 -32.64 -40.53 -14.25
N ALA A 385 -31.72 -40.93 -15.13
CA ALA A 385 -32.05 -41.07 -16.55
C ALA A 385 -33.18 -42.07 -16.81
N PRO A 386 -33.14 -43.29 -16.21
CA PRO A 386 -34.26 -44.19 -16.48
C PRO A 386 -35.60 -43.62 -16.02
N HIS A 387 -35.57 -42.81 -14.96
CA HIS A 387 -36.79 -42.19 -14.46
C HIS A 387 -37.32 -41.11 -15.41
N LEU A 388 -36.45 -40.17 -15.78
CA LEU A 388 -36.85 -39.02 -16.59
C LEU A 388 -37.16 -39.41 -18.03
N ARG A 389 -36.55 -40.50 -18.50
CA ARG A 389 -36.66 -40.88 -19.90
C ARG A 389 -37.58 -42.09 -20.11
N ASP A 390 -37.56 -43.02 -19.17
CA ASP A 390 -38.28 -44.28 -19.33
C ASP A 390 -39.33 -44.51 -18.25
N GLY A 391 -39.60 -43.48 -17.45
CA GLY A 391 -40.66 -43.53 -16.46
C GLY A 391 -40.40 -44.39 -15.24
N VAL A 392 -39.30 -45.12 -15.25
CA VAL A 392 -38.93 -46.01 -14.14
C VAL A 392 -38.94 -45.26 -12.81
N PRO A 393 -39.54 -45.87 -11.76
CA PRO A 393 -39.50 -45.27 -10.43
C PRO A 393 -38.07 -45.12 -9.92
N LEU A 394 -37.87 -44.22 -8.95
CA LEU A 394 -36.54 -43.92 -8.45
C LEU A 394 -36.00 -45.01 -7.53
N LEU A 395 -36.81 -46.03 -7.28
CA LEU A 395 -36.42 -47.14 -6.39
C LEU A 395 -36.64 -48.48 -7.07
N THR B 5 -21.05 -23.00 24.85
CA THR B 5 -22.38 -22.86 24.26
C THR B 5 -22.58 -21.45 23.70
N ALA B 6 -21.61 -20.57 23.93
CA ALA B 6 -21.66 -19.20 23.43
C ALA B 6 -21.04 -19.11 22.04
N ARG B 7 -21.80 -18.58 21.08
CA ARG B 7 -21.35 -18.50 19.70
C ARG B 7 -20.25 -17.46 19.52
N PHE B 8 -20.57 -16.21 19.81
CA PHE B 8 -19.60 -15.12 19.66
C PHE B 8 -19.30 -14.43 20.99
N ASP B 9 -18.10 -13.88 21.09
CA ASP B 9 -17.70 -13.15 22.28
C ASP B 9 -18.09 -11.69 22.19
N LEU B 10 -18.27 -11.20 20.96
CA LEU B 10 -18.54 -9.78 20.74
C LEU B 10 -19.23 -9.54 19.41
N PHE B 11 -20.18 -8.61 19.41
CA PHE B 11 -20.79 -8.15 18.16
C PHE B 11 -20.32 -6.75 17.86
N VAL B 12 -20.00 -6.50 16.59
CA VAL B 12 -19.56 -5.17 16.16
C VAL B 12 -20.41 -4.71 14.99
N VAL B 13 -21.08 -3.58 15.16
CA VAL B 13 -21.93 -3.04 14.12
C VAL B 13 -21.19 -1.98 13.31
N GLY B 14 -20.90 -2.30 12.05
CA GLY B 14 -20.16 -1.40 11.18
C GLY B 14 -18.73 -1.85 11.00
N SER B 15 -18.26 -1.88 9.75
CA SER B 15 -16.92 -2.32 9.45
C SER B 15 -16.01 -1.16 9.06
N GLY B 16 -16.28 0.02 9.62
CA GLY B 16 -15.42 1.17 9.42
C GLY B 16 -14.15 1.02 10.22
N PHE B 17 -13.33 2.07 10.26
CA PHE B 17 -12.05 1.99 10.95
C PHE B 17 -12.21 1.79 12.45
N PHE B 18 -13.29 2.32 13.01
CA PHE B 18 -13.56 2.10 14.43
C PHE B 18 -13.89 0.65 14.67
N GLY B 19 -14.87 0.14 13.92
CA GLY B 19 -15.32 -1.23 14.06
C GLY B 19 -14.22 -2.26 13.83
N LEU B 20 -13.43 -2.06 12.78
CA LEU B 20 -12.36 -3.00 12.45
C LEU B 20 -11.22 -2.95 13.46
N THR B 21 -10.96 -1.77 14.01
CA THR B 21 -9.95 -1.63 15.04
C THR B 21 -10.36 -2.42 16.29
N ILE B 22 -11.61 -2.23 16.70
CA ILE B 22 -12.18 -2.95 17.84
C ILE B 22 -12.12 -4.46 17.61
N ALA B 23 -12.57 -4.88 16.43
CA ALA B 23 -12.65 -6.30 16.11
C ALA B 23 -11.27 -6.96 16.04
N GLU B 24 -10.31 -6.26 15.45
CA GLU B 24 -8.97 -6.80 15.30
C GLU B 24 -8.28 -6.93 16.66
N ARG B 25 -8.41 -5.91 17.49
CA ARG B 25 -7.81 -5.93 18.82
C ARG B 25 -8.37 -7.05 19.68
N VAL B 26 -9.69 -7.13 19.77
CA VAL B 26 -10.34 -8.15 20.59
C VAL B 26 -9.95 -9.55 20.12
N ALA B 27 -9.99 -9.79 18.81
CA ALA B 27 -9.70 -11.10 18.26
C ALA B 27 -8.23 -11.52 18.47
N THR B 28 -7.31 -10.63 18.13
CA THR B 28 -5.88 -10.97 18.18
C THR B 28 -5.28 -10.88 19.57
N GLN B 29 -5.74 -9.92 20.38
CA GLN B 29 -5.12 -9.69 21.67
C GLN B 29 -5.82 -10.41 22.82
N LEU B 30 -7.06 -10.83 22.60
CA LEU B 30 -7.82 -11.49 23.67
C LEU B 30 -8.25 -12.90 23.28
N ASP B 31 -7.96 -13.28 22.03
CA ASP B 31 -8.33 -14.59 21.50
C ASP B 31 -9.83 -14.83 21.64
N LYS B 32 -10.62 -13.92 21.08
CA LYS B 32 -12.08 -14.02 21.14
C LYS B 32 -12.66 -14.03 19.73
N ARG B 33 -13.86 -14.60 19.59
CA ARG B 33 -14.54 -14.61 18.29
C ARG B 33 -15.43 -13.38 18.15
N VAL B 34 -15.22 -12.62 17.09
CA VAL B 34 -15.96 -11.38 16.86
C VAL B 34 -16.80 -11.48 15.59
N LEU B 35 -18.04 -11.04 15.68
CA LEU B 35 -18.90 -10.95 14.50
C LEU B 35 -19.09 -9.49 14.11
N VAL B 36 -18.58 -9.12 12.95
CA VAL B 36 -18.79 -7.79 12.42
C VAL B 36 -19.95 -7.80 11.44
N LEU B 37 -20.89 -6.89 11.62
CA LEU B 37 -22.05 -6.82 10.76
C LEU B 37 -22.08 -5.53 9.96
N GLU B 38 -22.03 -5.67 8.64
CA GLU B 38 -21.98 -4.53 7.75
C GLU B 38 -23.21 -4.47 6.86
N ARG B 39 -23.85 -3.31 6.86
CA ARG B 39 -25.07 -3.08 6.08
C ARG B 39 -24.74 -2.96 4.60
N ARG B 40 -23.58 -2.39 4.29
CA ARG B 40 -23.14 -2.15 2.92
C ARG B 40 -22.62 -3.41 2.23
N PRO B 41 -22.55 -3.39 0.89
CA PRO B 41 -22.01 -4.54 0.14
C PRO B 41 -20.51 -4.76 0.32
N HIS B 42 -19.83 -3.83 1.00
CA HIS B 42 -18.39 -3.91 1.17
C HIS B 42 -17.99 -3.49 2.57
N ILE B 43 -16.75 -3.80 2.97
CA ILE B 43 -16.26 -3.37 4.26
C ILE B 43 -15.55 -2.03 4.16
N GLY B 44 -15.17 -1.47 5.30
CA GLY B 44 -14.34 -0.28 5.32
C GLY B 44 -15.05 1.04 5.51
N GLY B 45 -16.38 1.00 5.53
CA GLY B 45 -17.15 2.23 5.64
C GLY B 45 -16.85 3.17 4.49
N ASN B 46 -16.74 4.45 4.81
CA ASN B 46 -16.50 5.48 3.80
C ASN B 46 -15.07 5.48 3.27
N ALA B 47 -14.23 4.61 3.82
CA ALA B 47 -12.83 4.51 3.40
C ALA B 47 -12.65 3.54 2.25
N TYR B 48 -13.72 2.86 1.86
CA TYR B 48 -13.63 1.86 0.80
C TYR B 48 -13.23 2.47 -0.54
N SER B 49 -12.13 1.97 -1.11
CA SER B 49 -11.65 2.45 -2.40
C SER B 49 -11.84 1.40 -3.49
N GLU B 50 -11.82 1.85 -4.74
CA GLU B 50 -12.10 0.95 -5.87
C GLU B 50 -11.43 1.43 -7.15
N ALA B 51 -10.90 0.48 -7.91
CA ALA B 51 -10.22 0.80 -9.16
C ALA B 51 -11.20 1.03 -10.30
N GLU B 52 -11.15 2.23 -10.88
CA GLU B 52 -11.93 2.55 -12.05
C GLU B 52 -11.42 1.73 -13.24
N PRO B 53 -12.31 0.91 -13.83
CA PRO B 53 -11.96 -0.12 -14.83
C PRO B 53 -11.24 0.42 -16.07
N GLN B 54 -11.62 1.61 -16.54
CA GLN B 54 -11.01 2.16 -17.75
C GLN B 54 -9.55 2.57 -17.56
N THR B 55 -9.27 3.17 -16.41
CA THR B 55 -7.95 3.75 -16.17
C THR B 55 -7.10 2.93 -15.19
N GLY B 56 -7.77 2.18 -14.32
CA GLY B 56 -7.07 1.42 -13.30
C GLY B 56 -6.76 2.25 -12.07
N ILE B 57 -7.13 3.52 -12.12
CA ILE B 57 -6.87 4.46 -11.02
C ILE B 57 -7.75 4.16 -9.80
N GLU B 58 -7.14 4.15 -8.61
CA GLU B 58 -7.88 3.93 -7.38
C GLU B 58 -8.76 5.11 -7.04
N VAL B 59 -10.05 4.86 -6.86
CA VAL B 59 -11.01 5.91 -6.55
C VAL B 59 -11.57 5.75 -5.16
N HIS B 60 -11.48 6.82 -4.36
CA HIS B 60 -12.08 6.84 -3.03
C HIS B 60 -13.58 7.08 -3.17
N LYS B 61 -14.36 6.01 -3.12
CA LYS B 61 -15.79 6.04 -3.44
C LYS B 61 -16.60 7.05 -2.63
N TYR B 62 -16.32 7.16 -1.34
CA TYR B 62 -17.10 8.04 -0.47
C TYR B 62 -16.33 9.31 -0.11
N GLY B 63 -15.66 9.89 -1.10
CA GLY B 63 -14.90 11.12 -0.88
C GLY B 63 -13.44 10.83 -0.61
N ALA B 64 -12.58 11.80 -0.95
CA ALA B 64 -11.14 11.62 -0.80
C ALA B 64 -10.75 11.39 0.64
N HIS B 65 -9.90 10.39 0.86
CA HIS B 65 -9.42 10.08 2.19
C HIS B 65 -7.89 10.17 2.26
N LEU B 66 -7.40 10.97 3.19
CA LEU B 66 -5.97 11.19 3.40
C LEU B 66 -5.59 10.89 4.84
N PHE B 67 -4.73 9.91 5.05
CA PHE B 67 -4.37 9.55 6.42
C PHE B 67 -3.25 10.43 6.96
N HIS B 68 -3.40 10.85 8.21
CA HIS B 68 -2.43 11.71 8.87
C HIS B 68 -2.64 11.65 10.37
N THR B 69 -1.53 11.66 11.12
CA THR B 69 -1.60 11.67 12.58
C THR B 69 -0.27 12.09 13.19
N SER B 70 -0.32 12.56 14.43
CA SER B 70 0.88 12.86 15.19
C SER B 70 1.07 11.82 16.28
N ASN B 71 0.03 11.00 16.47
CA ASN B 71 0.06 9.90 17.42
C ASN B 71 0.89 8.74 16.87
N LYS B 72 2.04 8.48 17.49
CA LYS B 72 2.93 7.43 16.99
C LYS B 72 2.38 6.04 17.26
N ARG B 73 1.66 5.88 18.38
CA ARG B 73 1.05 4.60 18.70
C ARG B 73 0.04 4.20 17.62
N VAL B 74 -0.78 5.15 17.21
CA VAL B 74 -1.73 4.93 16.12
C VAL B 74 -0.98 4.65 14.83
N TRP B 75 0.05 5.45 14.55
CA TRP B 75 0.87 5.31 13.36
C TRP B 75 1.52 3.94 13.26
N ASP B 76 2.01 3.42 14.38
CA ASP B 76 2.63 2.10 14.41
C ASP B 76 1.59 0.99 14.26
N TYR B 77 0.39 1.24 14.78
CA TYR B 77 -0.69 0.26 14.71
C TYR B 77 -1.16 0.05 13.27
N VAL B 78 -1.45 1.14 12.57
CA VAL B 78 -1.96 1.03 11.20
C VAL B 78 -0.89 0.51 10.24
N ARG B 79 0.37 0.65 10.60
CA ARG B 79 1.46 0.18 9.76
C ARG B 79 1.64 -1.33 9.85
N GLN B 80 0.82 -1.98 10.68
CA GLN B 80 0.83 -3.43 10.77
C GLN B 80 0.01 -4.05 9.65
N PHE B 81 -0.81 -3.22 9.00
CA PHE B 81 -1.78 -3.71 8.02
C PHE B 81 -1.55 -3.15 6.62
N THR B 82 -0.68 -2.13 6.53
CA THR B 82 -0.40 -1.50 5.25
C THR B 82 0.87 -0.67 5.31
N ASP B 83 1.47 -0.43 4.15
CA ASP B 83 2.54 0.56 4.02
C ASP B 83 1.94 1.87 3.56
N PHE B 84 2.69 2.95 3.71
CA PHE B 84 2.24 4.26 3.26
C PHE B 84 3.23 4.91 2.33
N THR B 85 2.73 5.55 1.27
CA THR B 85 3.55 6.36 0.41
C THR B 85 3.95 7.64 1.13
N ASP B 86 4.94 8.35 0.62
CA ASP B 86 5.39 9.60 1.24
C ASP B 86 4.59 10.77 0.68
N TYR B 87 3.33 10.52 0.33
CA TYR B 87 2.46 11.55 -0.20
C TYR B 87 2.10 12.57 0.89
N ARG B 88 2.18 13.84 0.53
CA ARG B 88 1.78 14.92 1.42
C ARG B 88 0.64 15.69 0.78
N HIS B 89 -0.49 15.76 1.46
CA HIS B 89 -1.69 16.35 0.86
C HIS B 89 -1.63 17.87 0.78
N ARG B 90 -1.91 18.39 -0.40
CA ARG B 90 -2.00 19.83 -0.63
C ARG B 90 -3.29 20.14 -1.36
N VAL B 91 -3.88 21.29 -1.04
CA VAL B 91 -5.14 21.70 -1.64
C VAL B 91 -5.00 23.09 -2.23
N PHE B 92 -5.55 23.27 -3.43
CA PHE B 92 -5.64 24.60 -4.03
C PHE B 92 -7.08 25.07 -4.02
N ALA B 93 -7.27 26.38 -4.06
CA ALA B 93 -8.62 26.95 -3.99
C ALA B 93 -8.90 27.80 -5.23
N MET B 94 -10.10 27.62 -5.78
CA MET B 94 -10.49 28.35 -6.97
C MET B 94 -11.38 29.54 -6.60
N HIS B 95 -10.94 30.73 -6.95
CA HIS B 95 -11.67 31.94 -6.61
C HIS B 95 -11.55 32.98 -7.73
N ASN B 96 -12.70 33.39 -8.27
CA ASN B 96 -12.75 34.35 -9.36
C ASN B 96 -11.86 33.99 -10.55
N GLY B 97 -11.91 32.72 -10.95
CA GLY B 97 -11.15 32.26 -12.11
C GLY B 97 -9.67 32.13 -11.87
N GLN B 98 -9.26 32.27 -10.61
CA GLN B 98 -7.85 32.12 -10.26
C GLN B 98 -7.66 30.96 -9.28
N ALA B 99 -6.56 30.24 -9.44
CA ALA B 99 -6.21 29.18 -8.50
C ALA B 99 -5.24 29.72 -7.45
N TYR B 100 -5.60 29.57 -6.19
CA TYR B 100 -4.81 30.12 -5.09
C TYR B 100 -4.11 29.05 -4.26
N GLN B 101 -2.94 29.38 -3.72
CA GLN B 101 -2.29 28.54 -2.73
C GLN B 101 -3.13 28.52 -1.47
N PHE B 102 -3.10 27.41 -0.76
CA PHE B 102 -4.05 27.16 0.32
C PHE B 102 -3.45 26.12 1.26
N PRO B 103 -3.78 26.20 2.56
CA PRO B 103 -4.63 27.20 3.20
C PRO B 103 -3.87 28.47 3.58
N MET B 104 -4.11 28.98 4.79
CA MET B 104 -3.54 30.25 5.23
C MET B 104 -2.01 30.19 5.27
N GLY B 105 -1.38 31.09 4.50
CA GLY B 105 0.06 31.15 4.40
C GLY B 105 0.51 32.31 3.54
N LEU B 106 1.82 32.45 3.36
CA LEU B 106 2.38 33.56 2.59
C LEU B 106 1.99 33.48 1.12
N GLY B 107 1.83 32.26 0.61
CA GLY B 107 1.41 32.05 -0.76
C GLY B 107 0.02 32.61 -1.01
N LEU B 108 -0.92 32.24 -0.14
CA LEU B 108 -2.30 32.71 -0.24
C LEU B 108 -2.39 34.24 -0.09
N VAL B 109 -1.66 34.77 0.89
CA VAL B 109 -1.66 36.20 1.16
C VAL B 109 -1.10 37.00 -0.01
N SER B 110 0.07 36.60 -0.51
CA SER B 110 0.73 37.35 -1.57
C SER B 110 -0.04 37.31 -2.89
N GLN B 111 -0.86 36.29 -3.09
CA GLN B 111 -1.68 36.21 -4.30
C GLN B 111 -2.90 37.12 -4.20
N PHE B 112 -3.64 36.96 -3.10
CA PHE B 112 -4.90 37.66 -2.90
C PHE B 112 -4.68 39.17 -2.76
N PHE B 113 -3.56 39.56 -2.16
CA PHE B 113 -3.27 40.97 -1.93
C PHE B 113 -2.25 41.52 -2.93
N GLY B 114 -1.93 40.72 -3.94
CA GLY B 114 -1.18 41.20 -5.09
C GLY B 114 0.30 41.54 -4.93
N LYS B 115 0.86 41.29 -3.76
CA LYS B 115 2.29 41.54 -3.55
C LYS B 115 2.84 40.66 -2.44
N TYR B 116 4.15 40.45 -2.44
CA TYR B 116 4.79 39.59 -1.44
C TYR B 116 4.77 40.23 -0.05
N PHE B 117 4.37 39.45 0.94
CA PHE B 117 4.41 39.87 2.34
C PHE B 117 5.40 39.02 3.13
N THR B 118 6.34 39.67 3.80
CA THR B 118 7.24 38.95 4.69
C THR B 118 6.41 38.36 5.83
N PRO B 119 6.91 37.29 6.47
CA PRO B 119 6.24 36.71 7.63
C PRO B 119 5.79 37.77 8.65
N GLU B 120 6.64 38.77 8.88
CA GLU B 120 6.31 39.83 9.81
C GLU B 120 5.23 40.76 9.25
N GLN B 121 5.35 41.09 7.98
CA GLN B 121 4.37 41.94 7.30
C GLN B 121 3.02 41.24 7.13
N ALA B 122 3.06 39.91 7.10
CA ALA B 122 1.84 39.12 6.94
C ALA B 122 1.06 39.03 8.24
N ARG B 123 1.78 38.86 9.34
CA ARG B 123 1.14 38.80 10.66
C ARG B 123 0.50 40.14 10.99
N GLN B 124 1.10 41.21 10.49
CA GLN B 124 0.58 42.56 10.73
C GLN B 124 -0.76 42.76 10.05
N LEU B 125 -0.78 42.47 8.75
CA LEU B 125 -1.97 42.66 7.92
C LEU B 125 -3.17 41.89 8.46
N ILE B 126 -2.95 40.62 8.81
CA ILE B 126 -4.02 39.76 9.31
C ILE B 126 -4.54 40.22 10.68
N ALA B 127 -3.63 40.64 11.55
CA ALA B 127 -3.99 41.13 12.87
C ALA B 127 -4.93 42.34 12.77
N GLU B 128 -4.63 43.23 11.82
CA GLU B 128 -5.49 44.39 11.56
C GLU B 128 -6.86 43.96 11.07
N GLN B 129 -6.89 42.92 10.26
CA GLN B 129 -8.13 42.44 9.65
C GLN B 129 -8.84 41.45 10.55
N ALA B 130 -8.17 41.03 11.62
CA ALA B 130 -8.78 40.14 12.61
C ALA B 130 -9.16 40.92 13.87
N ALA B 131 -9.20 42.24 13.73
CA ALA B 131 -9.41 43.15 14.86
C ALA B 131 -10.77 42.99 15.53
N GLU B 132 -11.78 42.63 14.74
CA GLU B 132 -13.15 42.55 15.23
C GLU B 132 -13.34 41.55 16.38
N ILE B 133 -12.56 40.48 16.35
CA ILE B 133 -12.73 39.38 17.30
C ILE B 133 -11.39 38.74 17.70
N ASP B 134 -11.23 38.46 19.00
CA ASP B 134 -10.05 37.77 19.48
C ASP B 134 -10.27 36.25 19.52
N THR B 135 -9.21 35.49 19.24
CA THR B 135 -9.31 34.05 19.04
C THR B 135 -9.79 33.30 20.28
N ALA B 136 -9.37 33.75 21.46
CA ALA B 136 -9.73 33.09 22.70
C ALA B 136 -11.21 33.22 23.01
N ASP B 137 -11.82 34.27 22.48
CA ASP B 137 -13.23 34.57 22.75
C ASP B 137 -14.15 33.89 21.74
N ALA B 138 -13.60 33.53 20.59
CA ALA B 138 -14.38 33.04 19.45
C ALA B 138 -15.20 31.80 19.80
N GLN B 139 -16.50 31.88 19.49
CA GLN B 139 -17.44 30.83 19.86
C GLN B 139 -17.76 29.94 18.67
N ASN B 140 -18.08 30.56 17.54
CA ASN B 140 -18.51 29.85 16.35
C ASN B 140 -17.50 29.90 15.21
N LEU B 141 -17.89 29.34 14.07
CA LEU B 141 -17.00 29.24 12.92
C LEU B 141 -16.65 30.61 12.33
N GLU B 142 -17.64 31.48 12.19
CA GLU B 142 -17.42 32.78 11.57
C GLU B 142 -16.46 33.64 12.38
N GLU B 143 -16.68 33.70 13.69
CA GLU B 143 -15.83 34.48 14.57
C GLU B 143 -14.42 33.91 14.58
N LYS B 144 -14.32 32.59 14.70
CA LYS B 144 -13.02 31.92 14.77
C LYS B 144 -12.22 32.11 13.49
N ALA B 145 -12.89 32.02 12.34
CA ALA B 145 -12.22 32.14 11.05
C ALA B 145 -11.66 33.55 10.85
N ILE B 146 -12.49 34.55 11.13
CA ILE B 146 -12.07 35.94 10.98
C ILE B 146 -10.94 36.28 11.97
N SER B 147 -10.98 35.65 13.14
CA SER B 147 -9.96 35.88 14.16
C SER B 147 -8.65 35.14 13.86
N LEU B 148 -8.63 34.40 12.76
CA LEU B 148 -7.45 33.63 12.39
C LEU B 148 -6.87 34.08 11.06
N ILE B 149 -7.74 34.38 10.09
CA ILE B 149 -7.28 34.71 8.75
C ILE B 149 -7.76 36.10 8.29
N GLY B 150 -8.61 36.73 9.10
CA GLY B 150 -9.12 38.06 8.77
C GLY B 150 -10.36 37.99 7.90
N ARG B 151 -11.12 39.08 7.91
CA ARG B 151 -12.41 39.11 7.20
C ARG B 151 -12.31 39.07 5.68
N PRO B 152 -11.35 39.82 5.07
CA PRO B 152 -11.27 39.72 3.61
C PRO B 152 -10.99 38.29 3.12
N LEU B 153 -10.13 37.57 3.82
CA LEU B 153 -9.82 36.19 3.46
C LEU B 153 -10.95 35.25 3.87
N TYR B 154 -11.65 35.61 4.94
CA TYR B 154 -12.81 34.84 5.38
C TYR B 154 -13.91 34.88 4.33
N GLU B 155 -14.19 36.08 3.83
CA GLU B 155 -15.27 36.28 2.88
C GLU B 155 -14.97 35.62 1.54
N ALA B 156 -13.69 35.53 1.19
CA ALA B 156 -13.28 35.05 -0.12
C ALA B 156 -13.11 33.53 -0.18
N PHE B 157 -12.70 32.91 0.92
CA PHE B 157 -12.36 31.50 0.90
C PHE B 157 -13.06 30.64 1.94
N VAL B 158 -13.86 31.25 2.80
CA VAL B 158 -14.53 30.49 3.85
C VAL B 158 -16.05 30.59 3.77
N LYS B 159 -16.56 31.81 3.64
CA LYS B 159 -17.99 32.08 3.72
C LYS B 159 -18.80 31.28 2.69
N GLY B 160 -18.38 31.32 1.44
CA GLY B 160 -19.08 30.63 0.37
C GLY B 160 -18.97 29.12 0.47
N TYR B 161 -17.75 28.63 0.68
CA TYR B 161 -17.50 27.20 0.83
C TYR B 161 -18.32 26.62 1.98
N THR B 162 -18.32 27.34 3.11
CA THR B 162 -19.08 26.92 4.29
C THR B 162 -20.57 26.88 3.97
N ALA B 163 -21.02 27.85 3.17
CA ALA B 163 -22.42 27.91 2.78
C ALA B 163 -22.84 26.69 1.99
N LYS B 164 -22.01 26.28 1.04
CA LYS B 164 -22.33 25.13 0.20
C LYS B 164 -22.21 23.82 0.98
N GLN B 165 -21.19 23.74 1.81
CA GLN B 165 -20.89 22.51 2.55
C GLN B 165 -21.84 22.25 3.72
N TRP B 166 -22.31 23.33 4.36
CA TRP B 166 -23.13 23.18 5.55
C TRP B 166 -24.57 23.68 5.38
N GLN B 167 -24.75 24.72 4.56
CA GLN B 167 -26.05 25.38 4.43
C GLN B 167 -26.61 25.76 5.80
N THR B 168 -25.70 26.18 6.67
CA THR B 168 -26.05 26.63 8.01
C THR B 168 -25.30 27.93 8.26
N ASP B 169 -25.95 28.86 8.96
CA ASP B 169 -25.33 30.15 9.26
C ASP B 169 -24.00 29.97 9.98
N PRO B 170 -22.94 30.61 9.46
CA PRO B 170 -21.57 30.48 9.96
C PRO B 170 -21.41 30.83 11.45
N LYS B 171 -22.45 31.38 12.07
CA LYS B 171 -22.40 31.71 13.48
C LYS B 171 -23.07 30.63 14.31
N GLU B 172 -23.62 29.62 13.63
CA GLU B 172 -24.28 28.50 14.28
C GLU B 172 -23.42 27.24 14.27
N LEU B 173 -22.32 27.30 13.53
CA LEU B 173 -21.42 26.16 13.41
C LEU B 173 -20.28 26.24 14.42
N PRO B 174 -19.78 25.08 14.87
CA PRO B 174 -18.66 25.04 15.82
C PRO B 174 -17.40 25.70 15.29
N ALA B 175 -16.57 26.23 16.18
CA ALA B 175 -15.30 26.83 15.79
C ALA B 175 -14.29 25.75 15.43
N ALA B 176 -14.52 24.54 15.95
CA ALA B 176 -13.64 23.41 15.71
C ALA B 176 -13.55 23.06 14.22
N ASN B 177 -14.63 23.35 13.49
CA ASN B 177 -14.70 23.04 12.07
C ASN B 177 -13.63 23.77 11.25
N ILE B 178 -13.42 25.04 11.56
CA ILE B 178 -12.48 25.85 10.79
C ILE B 178 -11.05 25.66 11.29
N THR B 179 -10.90 25.20 12.53
CA THR B 179 -9.57 25.00 13.10
C THR B 179 -8.98 23.66 12.68
N ARG B 180 -9.71 22.93 11.86
CA ARG B 180 -9.18 21.72 11.24
C ARG B 180 -8.08 22.11 10.26
N LEU B 181 -8.21 23.31 9.70
CA LEU B 181 -7.23 23.81 8.74
C LEU B 181 -6.12 24.58 9.44
N PRO B 182 -4.87 24.24 9.10
CA PRO B 182 -3.70 24.93 9.66
C PRO B 182 -3.66 26.41 9.33
N VAL B 183 -3.15 27.22 10.26
CA VAL B 183 -2.95 28.64 10.03
C VAL B 183 -1.47 28.96 10.12
N ARG B 184 -0.86 29.32 8.98
CA ARG B 184 0.58 29.52 8.94
C ARG B 184 0.97 30.90 8.42
N TYR B 185 2.22 31.27 8.65
CA TYR B 185 2.79 32.50 8.10
C TYR B 185 4.10 32.18 7.40
N THR B 186 4.13 31.01 6.79
CA THR B 186 5.23 30.61 5.91
C THR B 186 4.65 30.21 4.56
N PHE B 187 5.48 29.65 3.69
CA PHE B 187 5.03 29.18 2.40
C PHE B 187 4.67 27.69 2.41
N ASP B 188 4.71 27.09 3.59
CA ASP B 188 4.25 25.72 3.79
C ASP B 188 2.76 25.60 3.47
N ASN B 189 2.43 24.94 2.36
CA ASN B 189 1.03 24.78 1.98
C ASN B 189 0.52 23.35 2.13
N ARG B 190 1.12 22.60 3.04
CA ARG B 190 0.62 21.28 3.38
C ARG B 190 -0.72 21.42 4.09
N TYR B 191 -1.71 20.67 3.66
CA TYR B 191 -3.07 20.85 4.15
C TYR B 191 -3.25 20.31 5.57
N PHE B 192 -2.32 19.47 6.01
CA PHE B 192 -2.33 18.95 7.36
C PHE B 192 -1.04 19.32 8.08
N SER B 193 -1.10 19.35 9.41
CA SER B 193 0.08 19.64 10.21
C SER B 193 0.38 18.51 11.19
N ASP B 194 0.42 17.29 10.66
CA ASP B 194 0.70 16.11 11.48
C ASP B 194 2.06 15.53 11.16
N THR B 195 2.68 14.89 12.16
CA THR B 195 4.00 14.29 12.01
C THR B 195 4.02 13.23 10.92
N TYR B 196 3.06 12.31 10.99
CA TYR B 196 2.99 11.21 10.05
C TYR B 196 1.83 11.38 9.09
N GLU B 197 2.07 11.08 7.82
CA GLU B 197 1.07 11.29 6.77
C GLU B 197 1.41 10.44 5.55
N GLY B 198 0.37 9.96 4.87
CA GLY B 198 0.58 9.22 3.63
C GLY B 198 -0.64 8.45 3.16
N LEU B 199 -0.55 7.93 1.94
CA LEU B 199 -1.63 7.12 1.39
C LEU B 199 -1.25 5.64 1.44
N PRO B 200 -2.24 4.78 1.69
CA PRO B 200 -2.01 3.32 1.72
C PRO B 200 -1.46 2.83 0.39
N THR B 201 -0.23 2.30 0.41
CA THR B 201 0.48 1.94 -0.81
C THR B 201 -0.34 1.05 -1.73
N ASP B 202 -1.00 0.05 -1.17
CA ASP B 202 -1.79 -0.88 -1.97
C ASP B 202 -3.26 -0.52 -1.96
N GLY B 203 -3.59 0.66 -1.47
CA GLY B 203 -4.97 1.13 -1.44
C GLY B 203 -5.67 0.85 -0.14
N TYR B 204 -6.78 1.52 0.08
CA TYR B 204 -7.53 1.41 1.33
C TYR B 204 -8.16 0.04 1.54
N THR B 205 -8.75 -0.51 0.47
CA THR B 205 -9.47 -1.78 0.59
C THR B 205 -8.55 -2.91 1.06
N ALA B 206 -7.35 -2.94 0.52
CA ALA B 206 -6.34 -3.93 0.93
C ALA B 206 -5.99 -3.75 2.41
N TRP B 207 -5.84 -2.50 2.81
CA TRP B 207 -5.57 -2.14 4.20
C TRP B 207 -6.71 -2.62 5.09
N LEU B 208 -7.94 -2.23 4.75
CA LEU B 208 -9.11 -2.63 5.53
C LEU B 208 -9.29 -4.14 5.59
N GLN B 209 -9.00 -4.82 4.49
CA GLN B 209 -9.17 -6.27 4.46
C GLN B 209 -8.13 -7.00 5.30
N ASN B 210 -6.97 -6.38 5.49
CA ASN B 210 -5.93 -6.97 6.32
C ASN B 210 -6.29 -6.88 7.81
N MET B 211 -7.04 -5.85 8.16
CA MET B 211 -7.47 -5.68 9.54
C MET B 211 -8.54 -6.70 9.91
N ALA B 212 -9.32 -7.10 8.92
CA ALA B 212 -10.40 -8.05 9.14
C ALA B 212 -10.01 -9.46 8.70
N ALA B 213 -8.71 -9.66 8.47
CA ALA B 213 -8.21 -10.92 7.93
C ALA B 213 -8.27 -12.08 8.92
N ASP B 214 -8.12 -11.77 10.20
CA ASP B 214 -8.01 -12.80 11.25
C ASP B 214 -9.15 -13.80 11.20
N HIS B 215 -8.84 -15.06 11.44
CA HIS B 215 -9.82 -16.13 11.33
C HIS B 215 -10.90 -16.04 12.40
N ARG B 216 -10.59 -15.36 13.50
CA ARG B 216 -11.54 -15.23 14.60
C ARG B 216 -12.54 -14.09 14.36
N ILE B 217 -12.38 -13.40 13.24
CA ILE B 217 -13.30 -12.31 12.87
C ILE B 217 -14.18 -12.70 11.70
N GLU B 218 -15.49 -12.63 11.88
CA GLU B 218 -16.41 -12.90 10.79
C GLU B 218 -17.14 -11.62 10.39
N VAL B 219 -17.18 -11.36 9.08
CA VAL B 219 -17.87 -10.20 8.56
C VAL B 219 -19.03 -10.61 7.67
N ARG B 220 -20.20 -10.05 7.93
CA ARG B 220 -21.36 -10.33 7.11
C ARG B 220 -21.81 -9.06 6.42
N LEU B 221 -21.55 -9.00 5.12
CA LEU B 221 -21.96 -7.85 4.32
C LEU B 221 -23.45 -7.94 4.03
N ASN B 222 -24.04 -6.83 3.61
CA ASN B 222 -25.45 -6.77 3.28
C ASN B 222 -26.33 -7.22 4.44
N THR B 223 -25.91 -6.85 5.65
CA THR B 223 -26.60 -7.27 6.86
C THR B 223 -26.81 -6.09 7.80
N ASP B 224 -28.08 -5.75 8.02
CA ASP B 224 -28.41 -4.67 8.95
C ASP B 224 -28.59 -5.25 10.34
N TRP B 225 -28.01 -4.58 11.33
CA TRP B 225 -27.99 -5.06 12.71
C TRP B 225 -29.39 -5.21 13.28
N PHE B 226 -30.31 -4.34 12.86
CA PHE B 226 -31.66 -4.32 13.40
C PHE B 226 -32.55 -5.42 12.82
N ASP B 227 -32.10 -6.06 11.75
CA ASP B 227 -32.86 -7.14 11.13
C ASP B 227 -32.50 -8.51 11.70
N VAL B 228 -31.32 -8.60 12.33
CA VAL B 228 -30.79 -9.90 12.74
C VAL B 228 -30.42 -9.98 14.22
N ARG B 229 -30.46 -8.85 14.93
CA ARG B 229 -30.04 -8.86 16.33
C ARG B 229 -30.99 -9.66 17.21
N GLY B 230 -32.24 -9.81 16.76
CA GLY B 230 -33.23 -10.58 17.48
C GLY B 230 -32.87 -12.06 17.52
N GLN B 231 -32.10 -12.50 16.54
CA GLN B 231 -31.69 -13.90 16.44
C GLN B 231 -30.28 -14.10 17.00
N LEU B 232 -29.39 -13.15 16.71
CA LEU B 232 -27.98 -13.26 17.05
C LEU B 232 -27.73 -13.23 18.56
N ARG B 233 -28.17 -12.15 19.20
CA ARG B 233 -27.90 -11.94 20.62
C ARG B 233 -28.33 -13.10 21.54
N PRO B 234 -29.49 -13.75 21.27
CA PRO B 234 -29.80 -14.93 22.08
C PRO B 234 -28.73 -16.03 21.98
N GLY B 235 -28.10 -16.15 20.81
CA GLY B 235 -27.05 -17.14 20.62
C GLY B 235 -25.78 -16.82 21.41
N SER B 236 -25.57 -15.53 21.67
CA SER B 236 -24.43 -15.09 22.48
C SER B 236 -24.86 -14.02 23.48
N PRO B 237 -25.58 -14.42 24.54
CA PRO B 237 -26.21 -13.51 25.49
C PRO B 237 -25.22 -12.58 26.21
N ALA B 238 -24.08 -13.10 26.61
CA ALA B 238 -23.10 -12.33 27.39
C ALA B 238 -22.31 -11.35 26.52
N ALA B 239 -22.34 -11.57 25.20
CA ALA B 239 -21.54 -10.76 24.28
C ALA B 239 -22.03 -9.31 24.19
N PRO B 240 -21.11 -8.36 24.44
CA PRO B 240 -21.42 -6.94 24.30
C PRO B 240 -21.62 -6.54 22.84
N VAL B 241 -22.09 -5.31 22.61
CA VAL B 241 -22.28 -4.82 21.25
C VAL B 241 -21.62 -3.46 21.08
N VAL B 242 -20.76 -3.34 20.08
CA VAL B 242 -20.19 -2.05 19.72
C VAL B 242 -20.89 -1.54 18.47
N TYR B 243 -21.74 -0.53 18.66
CA TYR B 243 -22.53 0.04 17.56
C TYR B 243 -21.91 1.33 17.06
N THR B 244 -21.65 1.39 15.75
CA THR B 244 -20.99 2.55 15.15
C THR B 244 -21.81 3.20 14.05
N GLY B 245 -23.10 2.85 13.98
CA GLY B 245 -24.01 3.50 13.05
C GLY B 245 -24.48 4.82 13.63
N PRO B 246 -25.44 5.47 12.96
CA PRO B 246 -26.00 6.75 13.43
C PRO B 246 -26.62 6.64 14.81
N LEU B 247 -26.19 7.49 15.74
CA LEU B 247 -26.63 7.42 17.13
C LEU B 247 -28.14 7.66 17.30
N ASP B 248 -28.67 8.63 16.56
CA ASP B 248 -30.08 8.95 16.64
C ASP B 248 -30.94 7.86 16.02
N ARG B 249 -30.42 7.22 14.97
CA ARG B 249 -31.16 6.16 14.29
C ARG B 249 -31.31 4.94 15.19
N TYR B 250 -30.33 4.71 16.05
CA TYR B 250 -30.34 3.56 16.95
C TYR B 250 -31.57 3.55 17.85
N PHE B 251 -32.03 4.73 18.24
CA PHE B 251 -33.21 4.85 19.09
C PHE B 251 -34.43 5.28 18.29
N ASP B 252 -34.45 4.93 17.01
CA ASP B 252 -35.56 5.27 16.11
C ASP B 252 -35.91 6.76 16.11
N TYR B 253 -34.91 7.60 16.35
CA TYR B 253 -35.08 9.05 16.41
C TYR B 253 -36.16 9.44 17.42
N ALA B 254 -36.25 8.70 18.52
CA ALA B 254 -37.30 8.90 19.51
C ALA B 254 -37.23 10.28 20.16
N GLU B 255 -36.02 10.79 20.36
CA GLU B 255 -35.82 12.09 20.98
C GLU B 255 -35.81 13.21 19.95
N GLY B 256 -35.80 12.85 18.68
CA GLY B 256 -35.71 13.82 17.60
C GLY B 256 -34.54 13.52 16.67
N ARG B 257 -34.48 14.21 15.55
CA ARG B 257 -33.46 13.95 14.54
C ARG B 257 -32.26 14.90 14.66
N LEU B 258 -31.09 14.32 14.81
CA LEU B 258 -29.84 15.08 14.80
C LEU B 258 -29.60 15.67 13.41
N GLY B 259 -28.91 16.80 13.35
CA GLY B 259 -28.60 17.42 12.07
C GLY B 259 -27.38 16.80 11.43
N TRP B 260 -27.56 16.25 10.24
CA TRP B 260 -26.45 15.68 9.48
C TRP B 260 -26.34 16.28 8.10
N ARG B 261 -25.12 16.31 7.57
CA ARG B 261 -24.89 16.63 6.17
C ARG B 261 -24.51 15.35 5.42
N THR B 262 -24.96 15.24 4.17
CA THR B 262 -24.61 14.07 3.37
C THR B 262 -23.96 14.54 2.07
N LEU B 263 -23.39 13.60 1.31
CA LEU B 263 -22.68 13.96 0.09
C LEU B 263 -23.13 13.15 -1.11
N ASP B 264 -23.15 13.82 -2.27
CA ASP B 264 -23.43 13.16 -3.55
C ASP B 264 -22.23 13.37 -4.47
N PHE B 265 -21.83 12.31 -5.17
CA PHE B 265 -20.64 12.39 -6.01
C PHE B 265 -20.95 12.14 -7.48
N GLU B 266 -20.20 12.82 -8.35
CA GLU B 266 -20.26 12.57 -9.78
C GLU B 266 -18.90 12.12 -10.28
N VAL B 267 -18.78 10.83 -10.56
CA VAL B 267 -17.53 10.28 -11.08
C VAL B 267 -17.55 10.32 -12.60
N GLU B 268 -16.48 10.85 -13.19
CA GLU B 268 -16.41 11.02 -14.63
C GLU B 268 -15.04 10.70 -15.18
N VAL B 269 -14.99 9.89 -16.23
CA VAL B 269 -13.75 9.60 -16.92
C VAL B 269 -13.60 10.54 -18.13
N LEU B 270 -12.54 11.34 -18.11
CA LEU B 270 -12.29 12.30 -19.19
C LEU B 270 -11.27 11.76 -20.17
N PRO B 271 -11.44 12.11 -21.46
CA PRO B 271 -10.51 11.68 -22.52
C PRO B 271 -9.21 12.49 -22.55
N ILE B 272 -8.87 13.15 -21.45
CA ILE B 272 -7.60 13.86 -21.32
C ILE B 272 -6.76 13.21 -20.24
N GLY B 273 -5.46 13.48 -20.25
CA GLY B 273 -4.56 12.91 -19.27
C GLY B 273 -4.59 13.61 -17.92
N ASP B 274 -4.85 14.91 -17.93
CA ASP B 274 -4.86 15.69 -16.70
C ASP B 274 -5.94 16.77 -16.75
N PHE B 275 -6.79 16.80 -15.72
CA PHE B 275 -7.91 17.74 -15.68
C PHE B 275 -7.56 19.06 -14.99
N GLN B 276 -6.89 18.99 -13.85
CA GLN B 276 -6.62 20.19 -13.08
C GLN B 276 -5.19 20.27 -12.53
N GLY B 277 -4.46 19.17 -12.63
CA GLY B 277 -3.04 19.17 -12.30
C GLY B 277 -2.72 19.03 -10.82
N THR B 278 -3.73 18.70 -10.03
CA THR B 278 -3.54 18.51 -8.59
C THR B 278 -4.67 17.65 -8.03
N ALA B 279 -4.43 17.02 -6.89
CA ALA B 279 -5.34 16.02 -6.35
C ALA B 279 -6.72 16.58 -6.01
N VAL B 280 -6.74 17.66 -5.23
CA VAL B 280 -8.00 18.25 -4.83
C VAL B 280 -8.02 19.75 -5.12
N MET B 281 -9.08 20.20 -5.79
CA MET B 281 -9.28 21.61 -6.05
C MET B 281 -10.56 22.08 -5.37
N ASN B 282 -10.41 22.99 -4.41
CA ASN B 282 -11.57 23.57 -3.74
C ASN B 282 -12.21 24.67 -4.57
N TYR B 283 -13.54 24.71 -4.57
CA TYR B 283 -14.27 25.75 -5.28
C TYR B 283 -15.05 26.61 -4.28
N ASN B 284 -14.56 27.82 -4.06
CA ASN B 284 -15.05 28.65 -2.97
C ASN B 284 -16.15 29.62 -3.39
N ASP B 285 -16.34 29.76 -4.70
CA ASP B 285 -17.34 30.66 -5.24
C ASP B 285 -18.71 29.97 -5.34
N LEU B 286 -19.77 30.74 -5.14
CA LEU B 286 -21.12 30.20 -5.08
C LEU B 286 -21.75 30.00 -6.46
N ASP B 287 -21.05 30.40 -7.51
CA ASP B 287 -21.57 30.24 -8.87
C ASP B 287 -21.31 28.83 -9.39
N VAL B 288 -20.92 27.95 -8.47
CA VAL B 288 -20.69 26.54 -8.77
C VAL B 288 -21.33 25.71 -7.65
N PRO B 289 -22.07 24.66 -8.03
CA PRO B 289 -22.85 23.89 -7.05
C PRO B 289 -22.03 22.93 -6.19
N TYR B 290 -20.85 22.54 -6.67
CA TYR B 290 -20.03 21.59 -5.93
C TYR B 290 -19.00 22.27 -5.05
N THR B 291 -18.61 21.59 -3.97
CA THR B 291 -17.61 22.12 -3.03
C THR B 291 -16.20 22.00 -3.56
N ARG B 292 -15.92 20.88 -4.23
CA ARG B 292 -14.57 20.60 -4.71
C ARG B 292 -14.54 19.51 -5.77
N ILE B 293 -13.40 19.38 -6.42
CA ILE B 293 -13.19 18.34 -7.41
C ILE B 293 -11.92 17.56 -7.12
N HIS B 294 -12.03 16.23 -7.08
CA HIS B 294 -10.88 15.37 -6.90
C HIS B 294 -10.41 14.81 -8.24
N GLU B 295 -9.10 14.71 -8.43
CA GLU B 295 -8.54 13.98 -9.56
C GLU B 295 -7.58 12.92 -9.02
N PHE B 296 -8.06 11.68 -8.98
CA PHE B 296 -7.41 10.62 -8.21
C PHE B 296 -6.06 10.13 -8.73
N ARG B 297 -5.70 10.50 -9.95
CA ARG B 297 -4.40 10.09 -10.49
C ARG B 297 -3.27 10.76 -9.72
N HIS B 298 -3.55 11.94 -9.18
CA HIS B 298 -2.53 12.72 -8.47
C HIS B 298 -2.35 12.27 -7.02
N PHE B 299 -3.24 11.39 -6.55
CA PHE B 299 -3.10 10.82 -5.22
C PHE B 299 -1.93 9.84 -5.18
N HIS B 300 -1.73 9.11 -6.27
CA HIS B 300 -0.63 8.15 -6.34
C HIS B 300 0.27 8.38 -7.55
N PRO B 301 1.10 9.44 -7.49
CA PRO B 301 2.00 9.77 -8.60
C PRO B 301 3.09 8.72 -8.79
N GLU B 302 3.37 7.93 -7.75
CA GLU B 302 4.38 6.90 -7.85
C GLU B 302 3.91 5.75 -8.75
N ARG B 303 2.59 5.58 -8.85
CA ARG B 303 2.04 4.64 -9.81
C ARG B 303 2.04 5.32 -11.18
N ASP B 304 2.29 4.55 -12.23
CA ASP B 304 2.29 5.12 -13.58
C ASP B 304 0.99 4.79 -14.30
N TYR B 305 0.01 5.68 -14.14
CA TYR B 305 -1.28 5.55 -14.82
C TYR B 305 -1.17 6.00 -16.26
N ARG B 306 -2.10 5.54 -17.10
CA ARG B 306 -2.17 5.98 -18.48
C ARG B 306 -2.38 7.50 -18.54
N THR B 307 -1.90 8.12 -19.61
CA THR B 307 -1.94 9.58 -19.72
C THR B 307 -2.88 10.08 -20.81
N ASP B 308 -3.81 9.23 -21.23
CA ASP B 308 -4.80 9.61 -22.23
C ASP B 308 -6.20 9.70 -21.62
N LYS B 309 -6.33 9.21 -20.39
CA LYS B 309 -7.59 9.31 -19.67
C LYS B 309 -7.35 9.70 -18.22
N THR B 310 -8.40 10.16 -17.55
CA THR B 310 -8.31 10.52 -16.14
C THR B 310 -9.68 10.44 -15.46
N VAL B 311 -9.66 10.19 -14.15
CA VAL B 311 -10.89 10.13 -13.38
C VAL B 311 -11.02 11.32 -12.46
N ILE B 312 -12.12 12.05 -12.60
CA ILE B 312 -12.41 13.15 -11.68
C ILE B 312 -13.72 12.91 -10.94
N MET B 313 -13.87 13.57 -9.80
CA MET B 313 -15.08 13.43 -8.99
C MET B 313 -15.51 14.77 -8.40
N ARG B 314 -16.72 15.19 -8.74
CA ARG B 314 -17.31 16.40 -8.16
C ARG B 314 -18.09 16.03 -6.91
N GLU B 315 -17.90 16.83 -5.86
CA GLU B 315 -18.54 16.57 -4.57
C GLU B 315 -19.63 17.59 -4.28
N TYR B 316 -20.84 17.10 -4.02
CA TYR B 316 -21.97 17.96 -3.70
C TYR B 316 -22.46 17.68 -2.29
N SER B 317 -22.85 18.74 -1.58
CA SER B 317 -23.23 18.62 -0.18
C SER B 317 -24.68 19.04 0.06
N ARG B 318 -25.40 18.25 0.86
CA ARG B 318 -26.78 18.57 1.22
C ARG B 318 -27.14 17.97 2.57
N PHE B 319 -28.32 18.33 3.08
CA PHE B 319 -28.81 17.77 4.34
C PHE B 319 -29.17 16.32 4.17
N ALA B 320 -28.75 15.49 5.14
CA ALA B 320 -29.08 14.08 5.12
C ALA B 320 -30.55 13.87 5.45
N GLU B 321 -31.24 13.08 4.62
CA GLU B 321 -32.64 12.79 4.83
C GLU B 321 -32.82 11.53 5.67
N ASP B 322 -34.06 11.04 5.71
CA ASP B 322 -34.42 9.90 6.55
C ASP B 322 -33.58 8.64 6.28
N ASP B 323 -33.45 8.27 5.02
CA ASP B 323 -32.73 7.04 4.67
C ASP B 323 -31.35 7.32 4.11
N ASP B 324 -30.99 8.60 4.04
CA ASP B 324 -29.66 8.98 3.56
C ASP B 324 -28.57 8.51 4.52
N GLU B 325 -27.40 8.24 3.97
CA GLU B 325 -26.24 7.95 4.80
C GLU B 325 -25.62 9.24 5.27
N PRO B 326 -25.51 9.42 6.59
CA PRO B 326 -24.95 10.65 7.18
C PRO B 326 -23.43 10.71 7.03
N TYR B 327 -22.91 11.87 6.65
CA TYR B 327 -21.47 12.06 6.45
C TYR B 327 -20.87 12.97 7.50
N TYR B 328 -21.52 14.11 7.76
CA TYR B 328 -21.03 15.08 8.71
C TYR B 328 -22.06 15.40 9.78
N PRO B 329 -21.64 15.38 11.06
CA PRO B 329 -22.49 15.91 12.14
C PRO B 329 -22.42 17.44 12.15
N ILE B 330 -23.56 18.11 12.07
CA ILE B 330 -23.59 19.57 12.00
C ILE B 330 -23.21 20.19 13.34
N ASN B 331 -23.72 19.62 14.42
CA ASN B 331 -23.37 20.04 15.78
C ASN B 331 -23.64 21.51 16.09
N THR B 332 -24.86 21.96 15.82
CA THR B 332 -25.29 23.28 16.26
C THR B 332 -25.64 23.23 17.75
N GLU B 333 -26.03 24.37 18.31
CA GLU B 333 -26.39 24.46 19.71
C GLU B 333 -27.57 23.53 20.03
N ALA B 334 -28.53 23.47 19.10
CA ALA B 334 -29.68 22.59 19.27
C ALA B 334 -29.28 21.13 19.05
N ASP B 335 -28.36 20.88 18.13
CA ASP B 335 -27.86 19.54 17.88
C ASP B 335 -27.09 19.02 19.11
N ARG B 336 -26.26 19.87 19.69
CA ARG B 336 -25.51 19.52 20.89
C ARG B 336 -26.45 19.20 22.06
N ALA B 337 -27.60 19.86 22.07
CA ALA B 337 -28.61 19.65 23.10
C ALA B 337 -29.28 18.28 22.95
N LEU B 338 -29.72 17.98 21.74
CA LEU B 338 -30.33 16.70 21.43
C LEU B 338 -29.35 15.56 21.65
N LEU B 339 -28.09 15.80 21.30
CA LEU B 339 -27.02 14.83 21.49
C LEU B 339 -26.88 14.44 22.96
N ALA B 340 -27.03 15.42 23.84
CA ALA B 340 -26.94 15.19 25.28
C ALA B 340 -28.00 14.21 25.74
N THR B 341 -29.18 14.28 25.14
CA THR B 341 -30.27 13.37 25.49
C THR B 341 -29.93 11.95 25.06
N TYR B 342 -29.48 11.80 23.82
CA TYR B 342 -29.08 10.49 23.30
C TYR B 342 -27.88 9.94 24.06
N ARG B 343 -27.05 10.85 24.56
CA ARG B 343 -25.91 10.48 25.41
C ARG B 343 -26.40 9.70 26.63
N ALA B 344 -27.54 10.11 27.17
CA ALA B 344 -28.13 9.46 28.33
C ALA B 344 -28.84 8.17 27.94
N ARG B 345 -29.52 8.20 26.79
CA ARG B 345 -30.17 7.00 26.27
C ARG B 345 -29.12 5.93 25.94
N ALA B 346 -27.98 6.37 25.44
CA ALA B 346 -26.88 5.46 25.13
C ALA B 346 -26.25 4.91 26.40
N LYS B 347 -26.10 5.76 27.41
CA LYS B 347 -25.56 5.34 28.70
C LYS B 347 -26.44 4.26 29.33
N SER B 348 -27.75 4.38 29.14
CA SER B 348 -28.69 3.39 29.67
C SER B 348 -28.59 2.06 28.94
N GLU B 349 -28.41 2.13 27.62
CA GLU B 349 -28.24 0.92 26.81
C GLU B 349 -26.98 0.14 27.21
N THR B 350 -25.96 0.87 27.63
CA THR B 350 -24.71 0.25 28.06
C THR B 350 -24.95 -0.56 29.33
N ALA B 351 -25.76 -0.01 30.22
CA ALA B 351 -26.03 -0.63 31.52
C ALA B 351 -26.98 -1.82 31.40
N SER B 352 -27.97 -1.72 30.52
CA SER B 352 -29.01 -2.74 30.41
C SER B 352 -28.75 -3.77 29.31
N SER B 353 -28.22 -3.33 28.17
CA SER B 353 -28.09 -4.20 27.00
C SER B 353 -26.63 -4.46 26.59
N LYS B 354 -25.69 -3.95 27.38
CA LYS B 354 -24.26 -4.05 27.06
C LYS B 354 -23.93 -3.49 25.68
N VAL B 355 -24.55 -2.37 25.32
CA VAL B 355 -24.31 -1.75 24.02
C VAL B 355 -23.42 -0.51 24.13
N LEU B 356 -22.28 -0.55 23.45
CA LEU B 356 -21.37 0.59 23.44
C LEU B 356 -21.56 1.40 22.16
N PHE B 357 -21.16 2.67 22.22
CA PHE B 357 -21.32 3.57 21.09
C PHE B 357 -20.00 4.26 20.76
N GLY B 358 -19.59 4.15 19.51
CA GLY B 358 -18.30 4.70 19.09
C GLY B 358 -18.29 5.07 17.62
N GLY B 359 -17.28 5.83 17.24
CA GLY B 359 -17.12 6.18 15.84
C GLY B 359 -17.77 7.50 15.48
N ARG B 360 -17.55 7.91 14.22
CA ARG B 360 -18.08 9.15 13.70
C ARG B 360 -19.60 9.24 13.83
N LEU B 361 -20.27 8.14 13.52
CA LEU B 361 -21.73 8.11 13.50
C LEU B 361 -22.31 7.77 14.87
N GLY B 362 -21.62 6.91 15.62
CA GLY B 362 -22.09 6.49 16.93
C GLY B 362 -21.98 7.55 18.00
N THR B 363 -21.10 8.52 17.80
CA THR B 363 -20.85 9.54 18.81
C THR B 363 -21.16 10.95 18.32
N TYR B 364 -21.63 11.06 17.08
CA TYR B 364 -21.97 12.35 16.48
C TYR B 364 -20.77 13.30 16.52
N GLN B 365 -19.60 12.77 16.20
CA GLN B 365 -18.37 13.55 16.24
C GLN B 365 -17.68 13.66 14.89
N TYR B 366 -17.15 14.84 14.60
CA TYR B 366 -16.40 15.12 13.39
C TYR B 366 -15.03 14.43 13.45
N LEU B 367 -15.01 13.12 13.22
CA LEU B 367 -13.80 12.32 13.40
C LEU B 367 -13.05 12.00 12.12
N ASP B 368 -11.75 12.24 12.13
CA ASP B 368 -10.89 11.77 11.06
C ASP B 368 -10.49 10.32 11.32
N MET B 369 -9.88 9.68 10.33
CA MET B 369 -9.54 8.26 10.42
C MET B 369 -8.68 7.96 11.63
N HIS B 370 -7.66 8.77 11.86
CA HIS B 370 -6.73 8.53 12.96
C HIS B 370 -7.39 8.73 14.32
N MET B 371 -8.29 9.72 14.41
N MET B 371 -8.30 9.70 14.41
CA MET B 371 -9.01 9.98 15.64
CA MET B 371 -8.99 9.96 15.67
C MET B 371 -10.01 8.87 15.93
C MET B 371 -10.07 8.92 15.92
N ALA B 372 -10.56 8.30 14.86
CA ALA B 372 -11.51 7.20 14.98
C ALA B 372 -10.79 5.94 15.46
N ILE B 373 -9.59 5.72 14.93
CA ILE B 373 -8.77 4.58 15.31
C ILE B 373 -8.26 4.71 16.75
N ALA B 374 -7.82 5.91 17.12
CA ALA B 374 -7.36 6.16 18.47
C ALA B 374 -8.50 5.99 19.47
N SER B 375 -9.69 6.41 19.07
CA SER B 375 -10.87 6.31 19.92
C SER B 375 -11.21 4.85 20.19
N ALA B 376 -11.02 4.01 19.18
CA ALA B 376 -11.31 2.59 19.30
C ALA B 376 -10.29 1.91 20.20
N LEU B 377 -9.04 2.36 20.11
CA LEU B 377 -7.98 1.82 20.96
C LEU B 377 -8.25 2.15 22.43
N ASN B 378 -8.69 3.37 22.69
CA ASN B 378 -9.04 3.79 24.05
C ASN B 378 -10.21 2.99 24.60
N MET B 379 -11.26 2.83 23.81
CA MET B 379 -12.41 2.03 24.21
C MET B 379 -11.99 0.60 24.50
N TYR B 380 -11.08 0.08 23.69
CA TYR B 380 -10.57 -1.27 23.92
C TYR B 380 -9.80 -1.34 25.24
N ASP B 381 -8.90 -0.39 25.47
CA ASP B 381 -8.02 -0.41 26.63
C ASP B 381 -8.74 -0.20 27.96
N ASN B 382 -9.71 0.72 27.97
CA ASN B 382 -10.32 1.16 29.22
C ASN B 382 -11.67 0.51 29.49
N VAL B 383 -12.36 0.08 28.43
CA VAL B 383 -13.70 -0.45 28.60
C VAL B 383 -13.81 -1.93 28.21
N LEU B 384 -13.62 -2.23 26.93
CA LEU B 384 -13.89 -3.57 26.41
C LEU B 384 -13.00 -4.67 27.00
N ALA B 385 -11.69 -4.50 26.87
CA ALA B 385 -10.74 -5.51 27.36
C ALA B 385 -10.92 -5.83 28.86
N PRO B 386 -11.06 -4.81 29.73
CA PRO B 386 -11.28 -5.17 31.14
C PRO B 386 -12.57 -5.96 31.34
N HIS B 387 -13.55 -5.76 30.47
CA HIS B 387 -14.82 -6.47 30.56
C HIS B 387 -14.71 -7.90 30.05
N LEU B 388 -14.19 -8.05 28.84
CA LEU B 388 -14.10 -9.36 28.19
C LEU B 388 -13.07 -10.27 28.85
N ARG B 389 -12.06 -9.68 29.47
CA ARG B 389 -10.95 -10.45 30.02
C ARG B 389 -11.00 -10.58 31.53
N ASP B 390 -11.55 -9.56 32.20
CA ASP B 390 -11.53 -9.53 33.66
C ASP B 390 -12.92 -9.38 34.28
N GLY B 391 -13.93 -9.20 33.44
CA GLY B 391 -15.31 -9.15 33.91
C GLY B 391 -15.77 -7.80 34.43
N VAL B 392 -14.90 -6.80 34.37
CA VAL B 392 -15.24 -5.45 34.81
C VAL B 392 -16.42 -4.91 34.01
N PRO B 393 -17.49 -4.48 34.69
CA PRO B 393 -18.70 -3.97 34.05
C PRO B 393 -18.43 -2.81 33.10
N LEU B 394 -19.27 -2.66 32.08
CA LEU B 394 -19.05 -1.68 31.03
C LEU B 394 -19.29 -0.24 31.49
N LEU B 395 -19.88 -0.07 32.66
CA LEU B 395 -20.13 1.26 33.21
C LEU B 395 -19.24 1.56 34.41
N GLN B 396 -19.43 2.74 34.99
CA GLN B 396 -18.63 3.16 36.14
C GLN B 396 -19.52 3.48 37.34
N THR C 5 58.86 -0.97 2.16
CA THR C 5 57.71 -1.07 1.26
C THR C 5 57.02 0.27 1.10
N ALA C 6 55.90 0.28 0.38
CA ALA C 6 55.16 1.49 0.09
C ALA C 6 54.28 1.92 1.26
N ARG C 7 54.20 3.23 1.49
CA ARG C 7 53.41 3.78 2.58
C ARG C 7 51.92 3.71 2.27
N PHE C 8 51.51 4.28 1.14
CA PHE C 8 50.10 4.29 0.75
C PHE C 8 49.85 3.52 -0.55
N ASP C 9 48.61 3.10 -0.74
CA ASP C 9 48.23 2.38 -1.95
C ASP C 9 47.60 3.33 -2.98
N LEU C 10 47.16 4.50 -2.51
CA LEU C 10 46.45 5.45 -3.36
C LEU C 10 46.53 6.86 -2.81
N PHE C 11 46.64 7.84 -3.71
CA PHE C 11 46.59 9.25 -3.33
C PHE C 11 45.33 9.90 -3.88
N VAL C 12 44.63 10.64 -3.03
CA VAL C 12 43.43 11.34 -3.45
C VAL C 12 43.53 12.82 -3.12
N VAL C 13 43.33 13.66 -4.13
CA VAL C 13 43.41 15.10 -3.95
C VAL C 13 42.01 15.71 -3.87
N GLY C 14 41.67 16.21 -2.69
CA GLY C 14 40.36 16.77 -2.45
C GLY C 14 39.46 15.82 -1.68
N SER C 15 38.84 16.32 -0.62
CA SER C 15 37.98 15.50 0.22
C SER C 15 36.50 15.83 0.00
N GLY C 16 36.14 16.15 -1.23
CA GLY C 16 34.74 16.35 -1.59
C GLY C 16 34.06 15.00 -1.73
N PHE C 17 32.81 15.00 -2.19
CA PHE C 17 32.05 13.76 -2.29
C PHE C 17 32.68 12.77 -3.26
N PHE C 18 33.35 13.28 -4.29
CA PHE C 18 34.03 12.41 -5.24
C PHE C 18 35.23 11.75 -4.57
N GLY C 19 36.10 12.58 -3.99
CA GLY C 19 37.29 12.10 -3.32
C GLY C 19 37.01 11.10 -2.21
N LEU C 20 36.03 11.42 -1.38
CA LEU C 20 35.67 10.54 -0.27
C LEU C 20 35.05 9.23 -0.76
N THR C 21 34.24 9.31 -1.80
CA THR C 21 33.63 8.11 -2.37
C THR C 21 34.71 7.17 -2.89
N ILE C 22 35.66 7.75 -3.62
CA ILE C 22 36.81 7.00 -4.11
C ILE C 22 37.59 6.39 -2.95
N ALA C 23 37.90 7.20 -1.95
CA ALA C 23 38.75 6.78 -0.84
C ALA C 23 38.09 5.70 0.01
N GLU C 24 36.78 5.85 0.22
CA GLU C 24 36.04 4.90 1.05
C GLU C 24 35.94 3.54 0.36
N ARG C 25 35.68 3.54 -0.95
CA ARG C 25 35.56 2.30 -1.71
C ARG C 25 36.87 1.53 -1.72
N VAL C 26 37.96 2.22 -2.02
CA VAL C 26 39.27 1.59 -2.09
C VAL C 26 39.65 0.99 -0.74
N ALA C 27 39.41 1.75 0.32
CA ALA C 27 39.79 1.34 1.67
C ALA C 27 39.01 0.13 2.17
N THR C 28 37.69 0.17 2.01
CA THR C 28 36.83 -0.84 2.62
C THR C 28 36.64 -2.08 1.74
N GLN C 29 36.68 -1.91 0.42
CA GLN C 29 36.40 -3.01 -0.49
C GLN C 29 37.66 -3.74 -0.95
N LEU C 30 38.76 -3.00 -1.10
CA LEU C 30 40.01 -3.59 -1.58
C LEU C 30 41.03 -3.76 -0.46
N ASP C 31 40.69 -3.25 0.72
CA ASP C 31 41.57 -3.29 1.90
C ASP C 31 42.91 -2.61 1.62
N LYS C 32 42.85 -1.33 1.27
CA LYS C 32 44.04 -0.55 0.95
C LYS C 32 44.16 0.66 1.86
N ARG C 33 45.34 1.27 1.88
CA ARG C 33 45.56 2.47 2.68
C ARG C 33 45.58 3.71 1.79
N VAL C 34 44.63 4.62 2.02
CA VAL C 34 44.47 5.79 1.18
C VAL C 34 44.83 7.07 1.92
N LEU C 35 45.64 7.91 1.28
CA LEU C 35 45.95 9.23 1.81
C LEU C 35 45.14 10.29 1.07
N VAL C 36 44.28 10.99 1.80
CA VAL C 36 43.48 12.06 1.23
C VAL C 36 44.09 13.40 1.62
N LEU C 37 44.45 14.19 0.62
CA LEU C 37 45.07 15.48 0.88
C LEU C 37 44.11 16.63 0.56
N GLU C 38 43.80 17.41 1.59
CA GLU C 38 42.84 18.51 1.48
C GLU C 38 43.49 19.85 1.76
N ARG C 39 43.22 20.81 0.89
CA ARG C 39 43.80 22.15 1.00
C ARG C 39 43.10 22.98 2.07
N ARG C 40 41.78 22.81 2.20
CA ARG C 40 40.97 23.58 3.13
C ARG C 40 41.14 23.10 4.58
N PRO C 41 40.74 23.94 5.55
CA PRO C 41 40.76 23.55 6.98
C PRO C 41 39.82 22.40 7.31
N HIS C 42 38.87 22.10 6.43
CA HIS C 42 37.89 21.04 6.70
C HIS C 42 37.75 20.09 5.52
N ILE C 43 36.98 19.02 5.72
CA ILE C 43 36.70 18.08 4.63
C ILE C 43 35.34 18.40 4.01
N GLY C 44 35.00 17.66 2.95
CA GLY C 44 33.66 17.73 2.39
C GLY C 44 33.47 18.66 1.21
N GLY C 45 34.54 19.35 0.82
CA GLY C 45 34.45 20.30 -0.27
C GLY C 45 33.46 21.40 0.02
N ASN C 46 32.59 21.69 -0.94
CA ASN C 46 31.58 22.73 -0.77
C ASN C 46 30.35 22.24 -0.02
N ALA C 47 30.38 20.97 0.38
CA ALA C 47 29.25 20.37 1.08
C ALA C 47 29.39 20.53 2.60
N TYR C 48 30.52 21.04 3.04
CA TYR C 48 30.78 21.20 4.46
C TYR C 48 29.76 22.13 5.11
N SER C 49 29.03 21.62 6.10
CA SER C 49 28.08 22.44 6.84
C SER C 49 28.60 22.73 8.24
N GLU C 50 27.97 23.69 8.91
CA GLU C 50 28.43 24.14 10.22
C GLU C 50 27.33 24.88 10.95
N ALA C 51 27.21 24.61 12.25
CA ALA C 51 26.15 25.20 13.06
C ALA C 51 26.47 26.63 13.45
N GLU C 52 25.54 27.54 13.17
CA GLU C 52 25.67 28.93 13.60
C GLU C 52 25.49 29.01 15.11
N PRO C 53 26.50 29.56 15.81
CA PRO C 53 26.59 29.56 17.27
C PRO C 53 25.39 30.19 18.00
N GLN C 54 24.87 31.31 17.49
CA GLN C 54 23.75 31.99 18.16
C GLN C 54 22.47 31.15 18.16
N THR C 55 22.14 30.58 17.01
CA THR C 55 20.87 29.89 16.84
C THR C 55 20.99 28.38 16.91
N GLY C 56 22.16 27.85 16.58
CA GLY C 56 22.37 26.42 16.55
C GLY C 56 21.95 25.81 15.22
N ILE C 57 21.50 26.67 14.30
CA ILE C 57 21.04 26.23 12.98
C ILE C 57 22.21 25.80 12.09
N GLU C 58 22.02 24.71 11.36
CA GLU C 58 23.02 24.24 10.42
C GLU C 58 23.08 25.13 9.19
N VAL C 59 24.28 25.60 8.86
CA VAL C 59 24.46 26.47 7.71
C VAL C 59 25.36 25.83 6.66
N HIS C 60 24.83 25.65 5.45
CA HIS C 60 25.63 25.18 4.33
C HIS C 60 26.56 26.30 3.91
N LYS C 61 27.83 26.19 4.30
CA LYS C 61 28.80 27.27 4.16
C LYS C 61 29.06 27.70 2.72
N TYR C 62 28.96 26.77 1.78
CA TYR C 62 29.25 27.07 0.38
C TYR C 62 28.00 26.98 -0.49
N GLY C 63 26.88 27.48 0.01
CA GLY C 63 25.64 27.47 -0.73
C GLY C 63 24.80 26.26 -0.41
N ALA C 64 23.48 26.38 -0.56
CA ALA C 64 22.55 25.33 -0.19
C ALA C 64 22.83 24.03 -0.92
N HIS C 65 22.94 22.94 -0.16
CA HIS C 65 23.15 21.62 -0.73
C HIS C 65 21.96 20.70 -0.45
N LEU C 66 21.25 20.33 -1.52
CA LEU C 66 20.10 19.45 -1.43
C LEU C 66 20.39 18.15 -2.14
N PHE C 67 20.35 17.03 -1.42
CA PHE C 67 20.64 15.76 -2.08
C PHE C 67 19.40 15.15 -2.72
N HIS C 68 19.57 14.71 -3.96
CA HIS C 68 18.48 14.14 -4.72
C HIS C 68 19.04 13.22 -5.80
N THR C 69 18.43 12.06 -5.98
CA THR C 69 18.82 11.14 -7.04
C THR C 69 17.73 10.14 -7.38
N SER C 70 17.78 9.62 -8.60
CA SER C 70 16.90 8.52 -9.00
C SER C 70 17.71 7.24 -9.07
N ASN C 71 19.04 7.38 -8.93
CA ASN C 71 19.94 6.25 -8.93
C ASN C 71 19.83 5.46 -7.62
N LYS C 72 19.26 4.26 -7.72
CA LYS C 72 19.02 3.43 -6.54
C LYS C 72 20.33 2.98 -5.89
N ARG C 73 21.35 2.72 -6.70
CA ARG C 73 22.63 2.28 -6.18
C ARG C 73 23.29 3.37 -5.35
N VAL C 74 23.20 4.60 -5.81
CA VAL C 74 23.76 5.74 -5.10
C VAL C 74 23.01 5.97 -3.79
N TRP C 75 21.68 5.91 -3.86
CA TRP C 75 20.83 6.06 -2.69
C TRP C 75 21.20 5.07 -1.59
N ASP C 76 21.27 3.80 -1.94
CA ASP C 76 21.64 2.75 -1.01
C ASP C 76 23.06 2.95 -0.45
N TYR C 77 23.95 3.49 -1.28
CA TYR C 77 25.34 3.69 -0.88
C TYR C 77 25.49 4.82 0.12
N VAL C 78 24.89 5.97 -0.17
CA VAL C 78 25.03 7.12 0.71
C VAL C 78 24.33 6.90 2.05
N ARG C 79 23.32 6.03 2.07
CA ARG C 79 22.57 5.72 3.28
C ARG C 79 23.39 4.86 4.25
N GLN C 80 24.60 4.47 3.84
CA GLN C 80 25.50 3.74 4.71
C GLN C 80 26.19 4.67 5.70
N PHE C 81 26.09 5.96 5.44
CA PHE C 81 26.85 6.95 6.21
C PHE C 81 25.95 7.97 6.88
N THR C 82 24.68 8.01 6.48
CA THR C 82 23.74 8.97 7.04
C THR C 82 22.30 8.57 6.81
N ASP C 83 21.40 9.11 7.63
CA ASP C 83 19.98 9.00 7.37
C ASP C 83 19.55 10.26 6.62
N PHE C 84 18.35 10.23 6.06
CA PHE C 84 17.83 11.39 5.33
C PHE C 84 16.43 11.76 5.80
N THR C 85 16.21 13.06 5.98
CA THR C 85 14.87 13.56 6.28
C THR C 85 14.01 13.49 5.03
N ASP C 86 12.70 13.60 5.20
CA ASP C 86 11.78 13.57 4.06
C ASP C 86 11.53 14.97 3.52
N TYR C 87 12.57 15.80 3.57
CA TYR C 87 12.48 17.16 3.06
C TYR C 87 12.44 17.16 1.53
N ARG C 88 11.47 17.86 0.98
CA ARG C 88 11.36 18.04 -0.47
C ARG C 88 11.63 19.50 -0.81
N HIS C 89 12.68 19.73 -1.60
CA HIS C 89 13.10 21.09 -1.89
C HIS C 89 12.13 21.83 -2.82
N ARG C 90 11.80 23.05 -2.43
CA ARG C 90 10.96 23.92 -3.24
C ARG C 90 11.58 25.32 -3.28
N VAL C 91 11.46 25.97 -4.44
CA VAL C 91 12.02 27.29 -4.62
C VAL C 91 10.93 28.27 -5.02
N PHE C 92 10.90 29.43 -4.40
CA PHE C 92 10.01 30.50 -4.81
C PHE C 92 10.80 31.58 -5.53
N ALA C 93 10.14 32.27 -6.46
CA ALA C 93 10.81 33.27 -7.27
C ALA C 93 10.23 34.66 -7.01
N MET C 94 11.12 35.62 -6.76
CA MET C 94 10.69 37.00 -6.52
C MET C 94 10.80 37.82 -7.79
N HIS C 95 9.67 38.34 -8.24
CA HIS C 95 9.63 39.14 -9.47
C HIS C 95 8.68 40.32 -9.32
N ASN C 96 9.21 41.53 -9.50
CA ASN C 96 8.46 42.77 -9.40
C ASN C 96 7.61 42.85 -8.13
N GLY C 97 8.23 42.57 -6.98
CA GLY C 97 7.57 42.71 -5.70
C GLY C 97 6.54 41.63 -5.43
N GLN C 98 6.60 40.54 -6.19
CA GLN C 98 5.68 39.43 -5.98
C GLN C 98 6.42 38.10 -5.92
N ALA C 99 5.99 37.24 -5.00
CA ALA C 99 6.54 35.89 -4.88
C ALA C 99 5.74 34.93 -5.76
N TYR C 100 6.44 34.24 -6.67
CA TYR C 100 5.79 33.32 -7.59
C TYR C 100 6.12 31.87 -7.28
N GLN C 101 5.17 30.98 -7.54
CA GLN C 101 5.44 29.55 -7.48
C GLN C 101 6.40 29.19 -8.61
N PHE C 102 7.26 28.22 -8.37
CA PHE C 102 8.38 27.96 -9.24
C PHE C 102 8.78 26.49 -9.10
N PRO C 103 9.33 25.88 -10.17
CA PRO C 103 9.58 26.41 -11.51
C PRO C 103 8.36 26.33 -12.42
N MET C 104 8.58 25.90 -13.66
CA MET C 104 7.52 25.88 -14.67
C MET C 104 6.38 24.94 -14.28
N GLY C 105 5.21 25.52 -14.02
CA GLY C 105 4.04 24.76 -13.65
C GLY C 105 2.81 25.65 -13.64
N LEU C 106 1.66 25.07 -13.31
CA LEU C 106 0.39 25.78 -13.34
C LEU C 106 0.38 26.94 -12.33
N GLY C 107 1.08 26.76 -11.22
CA GLY C 107 1.18 27.80 -10.21
C GLY C 107 1.84 29.04 -10.76
N LEU C 108 2.96 28.83 -11.46
CA LEU C 108 3.69 29.94 -12.07
C LEU C 108 2.88 30.58 -13.18
N VAL C 109 2.28 29.74 -14.02
CA VAL C 109 1.48 30.21 -15.14
C VAL C 109 0.30 31.04 -14.68
N SER C 110 -0.53 30.50 -13.79
CA SER C 110 -1.75 31.17 -13.36
C SER C 110 -1.49 32.48 -12.62
N GLN C 111 -0.37 32.54 -11.90
CA GLN C 111 0.00 33.77 -11.19
C GLN C 111 0.45 34.85 -12.16
N PHE C 112 1.39 34.49 -13.02
CA PHE C 112 1.98 35.45 -13.95
C PHE C 112 0.98 35.97 -14.96
N PHE C 113 0.13 35.09 -15.48
CA PHE C 113 -0.82 35.47 -16.53
C PHE C 113 -2.19 35.87 -15.97
N GLY C 114 -2.30 35.92 -14.64
CA GLY C 114 -3.46 36.53 -14.00
C GLY C 114 -4.73 35.70 -13.86
N LYS C 115 -4.76 34.51 -14.45
CA LYS C 115 -5.93 33.64 -14.33
C LYS C 115 -5.54 32.17 -14.40
N TYR C 116 -6.43 31.29 -13.95
CA TYR C 116 -6.15 29.86 -13.92
C TYR C 116 -6.18 29.23 -15.32
N PHE C 117 -5.11 28.51 -15.66
CA PHE C 117 -5.03 27.76 -16.90
C PHE C 117 -5.06 26.26 -16.60
N THR C 118 -5.97 25.54 -17.25
CA THR C 118 -5.99 24.09 -17.14
C THR C 118 -4.70 23.53 -17.75
N PRO C 119 -4.33 22.30 -17.39
CA PRO C 119 -3.15 21.66 -18.00
C PRO C 119 -3.21 21.71 -19.53
N GLU C 120 -4.40 21.57 -20.10
CA GLU C 120 -4.57 21.60 -21.55
C GLU C 120 -4.43 23.04 -22.07
N GLN C 121 -4.94 23.99 -21.32
CA GLN C 121 -4.86 25.40 -21.68
C GLN C 121 -3.45 25.94 -21.48
N ALA C 122 -2.75 25.40 -20.50
CA ALA C 122 -1.37 25.82 -20.23
C ALA C 122 -0.41 25.33 -21.30
N ARG C 123 -0.62 24.10 -21.76
CA ARG C 123 0.22 23.53 -22.82
C ARG C 123 0.02 24.31 -24.11
N GLN C 124 -1.22 24.76 -24.32
CA GLN C 124 -1.55 25.54 -25.51
C GLN C 124 -0.87 26.91 -25.47
N LEU C 125 -0.99 27.59 -24.34
CA LEU C 125 -0.45 28.94 -24.17
C LEU C 125 1.06 28.97 -24.37
N ILE C 126 1.76 28.03 -23.73
CA ILE C 126 3.22 27.98 -23.81
C ILE C 126 3.68 27.60 -25.22
N ALA C 127 2.92 26.72 -25.87
CA ALA C 127 3.22 26.32 -27.25
C ALA C 127 3.24 27.52 -28.18
N GLU C 128 2.29 28.44 -27.99
CA GLU C 128 2.20 29.62 -28.83
C GLU C 128 3.35 30.58 -28.58
N GLN C 129 3.81 30.63 -27.33
CA GLN C 129 4.87 31.56 -26.94
C GLN C 129 6.26 30.96 -27.15
N ALA C 130 6.31 29.66 -27.43
CA ALA C 130 7.57 28.96 -27.68
C ALA C 130 7.73 28.67 -29.17
N ALA C 131 6.92 29.35 -29.98
CA ALA C 131 6.81 29.07 -31.41
C ALA C 131 8.09 29.33 -32.20
N GLU C 132 8.93 30.23 -31.72
CA GLU C 132 10.11 30.66 -32.47
C GLU C 132 11.25 29.64 -32.47
N ILE C 133 11.09 28.57 -31.71
CA ILE C 133 12.14 27.56 -31.62
C ILE C 133 11.61 26.21 -31.11
N ASP C 134 12.00 25.13 -31.80
CA ASP C 134 11.70 23.78 -31.34
C ASP C 134 12.79 23.30 -30.38
N THR C 135 12.39 22.53 -29.38
CA THR C 135 13.32 22.07 -28.35
C THR C 135 14.45 21.21 -28.91
N ALA C 136 14.18 20.54 -30.04
CA ALA C 136 15.19 19.71 -30.68
C ALA C 136 16.25 20.57 -31.36
N ASP C 137 15.85 21.75 -31.82
CA ASP C 137 16.75 22.65 -32.54
C ASP C 137 17.42 23.64 -31.58
N ALA C 138 17.45 23.30 -30.30
CA ALA C 138 18.00 24.20 -29.29
C ALA C 138 19.52 24.01 -29.14
N GLN C 139 20.24 25.11 -29.19
CA GLN C 139 21.70 25.08 -29.09
C GLN C 139 22.16 25.57 -27.73
N ASN C 140 21.57 26.69 -27.30
CA ASN C 140 22.00 27.40 -26.11
C ASN C 140 20.93 27.51 -25.04
N LEU C 141 21.26 28.20 -23.96
CA LEU C 141 20.36 28.36 -22.82
C LEU C 141 19.11 29.15 -23.23
N GLU C 142 19.31 30.22 -24.01
CA GLU C 142 18.21 31.09 -24.39
C GLU C 142 17.18 30.38 -25.27
N GLU C 143 17.65 29.75 -26.34
CA GLU C 143 16.75 29.06 -27.25
C GLU C 143 16.02 27.91 -26.57
N LYS C 144 16.75 27.17 -25.75
CA LYS C 144 16.17 26.01 -25.06
C LYS C 144 15.17 26.44 -23.99
N ALA C 145 15.45 27.55 -23.32
CA ALA C 145 14.54 28.05 -22.29
C ALA C 145 13.25 28.57 -22.90
N ILE C 146 13.37 29.32 -24.00
CA ILE C 146 12.21 29.85 -24.69
C ILE C 146 11.37 28.71 -25.26
N SER C 147 12.03 27.67 -25.75
CA SER C 147 11.34 26.52 -26.32
C SER C 147 10.69 25.63 -25.27
N LEU C 148 10.87 25.97 -23.99
CA LEU C 148 10.34 25.17 -22.90
C LEU C 148 9.29 25.91 -22.07
N ILE C 149 9.45 27.23 -21.93
CA ILE C 149 8.52 28.00 -21.12
C ILE C 149 8.00 29.25 -21.84
N GLY C 150 8.36 29.39 -23.11
CA GLY C 150 7.94 30.56 -23.88
C GLY C 150 8.83 31.76 -23.61
N ARG C 151 8.62 32.84 -24.36
CA ARG C 151 9.47 34.01 -24.21
C ARG C 151 9.11 34.93 -23.04
N PRO C 152 7.80 35.18 -22.78
CA PRO C 152 7.49 36.03 -21.62
C PRO C 152 8.04 35.50 -20.30
N LEU C 153 7.83 34.21 -20.02
CA LEU C 153 8.36 33.61 -18.80
C LEU C 153 9.88 33.57 -18.81
N TYR C 154 10.46 33.40 -19.99
CA TYR C 154 11.90 33.43 -20.13
C TYR C 154 12.46 34.79 -19.74
N GLU C 155 11.88 35.85 -20.31
CA GLU C 155 12.37 37.20 -20.07
C GLU C 155 12.11 37.66 -18.64
N ALA C 156 11.13 37.03 -17.99
CA ALA C 156 10.71 37.46 -16.65
C ALA C 156 11.43 36.71 -15.53
N PHE C 157 11.84 35.47 -15.80
CA PHE C 157 12.40 34.63 -14.74
C PHE C 157 13.76 34.02 -15.06
N VAL C 158 14.14 34.02 -16.34
CA VAL C 158 15.42 33.41 -16.72
C VAL C 158 16.45 34.46 -17.15
N LYS C 159 16.02 35.45 -17.94
CA LYS C 159 16.90 36.49 -18.45
C LYS C 159 17.78 37.15 -17.37
N GLY C 160 17.12 37.80 -16.41
CA GLY C 160 17.83 38.51 -15.36
C GLY C 160 18.65 37.60 -14.47
N TYR C 161 18.05 36.49 -14.04
CA TYR C 161 18.72 35.56 -13.14
C TYR C 161 19.99 35.02 -13.78
N THR C 162 19.89 34.59 -15.04
CA THR C 162 21.03 34.07 -15.77
C THR C 162 22.12 35.13 -15.92
N ALA C 163 21.69 36.38 -16.09
CA ALA C 163 22.62 37.50 -16.21
C ALA C 163 23.47 37.66 -14.95
N LYS C 164 22.82 37.60 -13.79
CA LYS C 164 23.50 37.80 -12.53
C LYS C 164 24.40 36.62 -12.18
N GLN C 165 23.94 35.42 -12.54
CA GLN C 165 24.65 34.19 -12.21
C GLN C 165 25.84 33.92 -13.13
N TRP C 166 25.72 34.27 -14.41
CA TRP C 166 26.75 33.93 -15.37
C TRP C 166 27.49 35.13 -15.95
N GLN C 167 26.80 36.24 -16.13
CA GLN C 167 27.36 37.42 -16.78
C GLN C 167 27.94 37.05 -18.13
N THR C 168 27.24 36.16 -18.83
CA THR C 168 27.65 35.71 -20.16
C THR C 168 26.41 35.63 -21.03
N ASP C 169 26.55 35.97 -22.31
CA ASP C 169 25.45 35.94 -23.27
C ASP C 169 24.71 34.60 -23.23
N PRO C 170 23.40 34.63 -22.96
CA PRO C 170 22.55 33.43 -22.89
C PRO C 170 22.57 32.60 -24.17
N LYS C 171 23.07 33.18 -25.26
CA LYS C 171 23.20 32.43 -26.51
C LYS C 171 24.50 31.63 -26.53
N GLU C 172 25.40 31.94 -25.60
CA GLU C 172 26.69 31.26 -25.52
C GLU C 172 26.74 30.23 -24.40
N LEU C 173 25.67 30.16 -23.61
CA LEU C 173 25.62 29.22 -22.48
C LEU C 173 25.00 27.90 -22.91
N PRO C 174 25.49 26.79 -22.33
CA PRO C 174 24.97 25.45 -22.63
C PRO C 174 23.47 25.34 -22.37
N ALA C 175 22.78 24.58 -23.22
CA ALA C 175 21.34 24.39 -23.06
C ALA C 175 21.03 23.50 -21.85
N ALA C 176 22.02 22.71 -21.45
CA ALA C 176 21.86 21.76 -20.34
C ALA C 176 21.67 22.48 -19.01
N ASN C 177 22.10 23.73 -18.95
CA ASN C 177 21.99 24.53 -17.74
C ASN C 177 20.56 24.79 -17.34
N ILE C 178 19.69 25.03 -18.32
CA ILE C 178 18.30 25.34 -18.03
C ILE C 178 17.46 24.06 -17.87
N THR C 179 17.95 22.96 -18.43
CA THR C 179 17.23 21.69 -18.33
C THR C 179 17.49 21.01 -16.98
N ARG C 180 18.18 21.69 -16.09
CA ARG C 180 18.34 21.23 -14.72
C ARG C 180 17.03 21.45 -13.96
N LEU C 181 16.21 22.35 -14.49
CA LEU C 181 14.92 22.67 -13.90
C LEU C 181 13.81 21.87 -14.56
N PRO C 182 12.95 21.23 -13.75
CA PRO C 182 11.83 20.46 -14.30
C PRO C 182 10.79 21.35 -14.96
N VAL C 183 10.21 20.87 -16.05
CA VAL C 183 9.17 21.61 -16.75
C VAL C 183 7.86 20.84 -16.68
N ARG C 184 6.89 21.39 -15.96
CA ARG C 184 5.67 20.67 -15.66
C ARG C 184 4.40 21.43 -16.07
N TYR C 185 3.31 20.69 -16.21
CA TYR C 185 2.01 21.29 -16.44
C TYR C 185 1.02 20.79 -15.39
N THR C 186 1.53 20.65 -14.18
CA THR C 186 0.73 20.35 -13.00
C THR C 186 1.04 21.39 -11.92
N PHE C 187 0.45 21.23 -10.74
CA PHE C 187 0.75 22.13 -9.63
C PHE C 187 1.90 21.63 -8.76
N ASP C 188 2.65 20.66 -9.27
CA ASP C 188 3.83 20.15 -8.58
C ASP C 188 4.96 21.19 -8.62
N ASN C 189 5.29 21.75 -7.46
CA ASN C 189 6.36 22.74 -7.39
C ASN C 189 7.61 22.22 -6.66
N ARG C 190 7.82 20.91 -6.72
CA ARG C 190 9.07 20.34 -6.25
C ARG C 190 10.17 20.75 -7.21
N TYR C 191 11.25 21.30 -6.67
CA TYR C 191 12.31 21.87 -7.50
C TYR C 191 13.11 20.79 -8.21
N PHE C 192 13.07 19.58 -7.69
CA PHE C 192 13.73 18.44 -8.32
C PHE C 192 12.72 17.39 -8.73
N SER C 193 13.11 16.52 -9.65
CA SER C 193 12.22 15.46 -10.12
C SER C 193 12.87 14.09 -10.01
N ASP C 194 13.63 13.86 -8.94
CA ASP C 194 14.26 12.58 -8.71
C ASP C 194 13.47 11.72 -7.73
N THR C 195 13.66 10.40 -7.82
CA THR C 195 12.98 9.44 -6.97
C THR C 195 13.29 9.66 -5.49
N TYR C 196 14.57 9.86 -5.17
CA TYR C 196 15.00 10.00 -3.79
C TYR C 196 15.51 11.39 -3.48
N GLU C 197 15.13 11.92 -2.32
CA GLU C 197 15.50 13.28 -1.94
C GLU C 197 15.43 13.45 -0.43
N GLY C 198 16.32 14.27 0.11
CA GLY C 198 16.30 14.57 1.53
C GLY C 198 17.57 15.24 2.00
N LEU C 199 17.56 15.67 3.25
CA LEU C 199 18.75 16.26 3.87
C LEU C 199 19.31 15.28 4.89
N PRO C 200 20.64 15.26 5.04
CA PRO C 200 21.28 14.40 6.04
C PRO C 200 20.78 14.74 7.44
N THR C 201 20.19 13.77 8.11
CA THR C 201 19.53 13.99 9.41
C THR C 201 20.42 14.72 10.39
N ASP C 202 21.68 14.32 10.47
CA ASP C 202 22.60 14.87 11.46
C ASP C 202 23.56 15.89 10.84
N GLY C 203 23.20 16.36 9.65
CA GLY C 203 24.02 17.36 8.97
C GLY C 203 25.00 16.77 7.97
N TYR C 204 25.55 17.64 7.13
CA TYR C 204 26.46 17.20 6.07
C TYR C 204 27.83 16.77 6.60
N THR C 205 28.34 17.48 7.61
CA THR C 205 29.68 17.20 8.11
C THR C 205 29.74 15.82 8.76
N ALA C 206 28.68 15.45 9.50
CA ALA C 206 28.59 14.12 10.09
C ALA C 206 28.59 13.03 9.02
N TRP C 207 27.88 13.31 7.93
CA TRP C 207 27.82 12.41 6.79
C TRP C 207 29.20 12.25 6.17
N LEU C 208 29.86 13.37 5.92
CA LEU C 208 31.19 13.36 5.30
C LEU C 208 32.23 12.72 6.21
N GLN C 209 32.08 12.92 7.52
CA GLN C 209 33.03 12.36 8.47
C GLN C 209 32.91 10.84 8.54
N ASN C 210 31.70 10.33 8.30
CA ASN C 210 31.49 8.89 8.30
C ASN C 210 32.15 8.23 7.09
N MET C 211 32.20 8.94 5.97
CA MET C 211 32.79 8.40 4.76
C MET C 211 34.30 8.29 4.87
N ALA C 212 34.91 9.20 5.63
CA ALA C 212 36.36 9.19 5.81
C ALA C 212 36.77 8.54 7.13
N ALA C 213 35.79 7.94 7.83
CA ALA C 213 36.00 7.44 9.17
C ALA C 213 36.93 6.23 9.25
N ASP C 214 36.99 5.46 8.17
CA ASP C 214 37.75 4.21 8.17
C ASP C 214 39.22 4.44 8.53
N HIS C 215 39.79 3.52 9.30
CA HIS C 215 41.14 3.69 9.83
C HIS C 215 42.20 3.64 8.74
N ARG C 216 41.84 3.08 7.59
CA ARG C 216 42.76 2.97 6.47
C ARG C 216 42.72 4.21 5.58
N ILE C 217 41.94 5.20 5.99
CA ILE C 217 41.89 6.48 5.30
C ILE C 217 42.47 7.60 6.15
N GLU C 218 43.57 8.19 5.70
CA GLU C 218 44.14 9.34 6.40
C GLU C 218 43.86 10.62 5.62
N VAL C 219 43.29 11.60 6.30
CA VAL C 219 43.02 12.89 5.68
C VAL C 219 43.90 13.98 6.30
N ARG C 220 44.69 14.63 5.46
CA ARG C 220 45.53 15.72 5.92
C ARG C 220 44.97 17.06 5.43
N LEU C 221 44.41 17.81 6.37
CA LEU C 221 43.85 19.11 6.06
C LEU C 221 44.95 20.16 5.94
N ASN C 222 44.59 21.30 5.36
CA ASN C 222 45.55 22.40 5.17
C ASN C 222 46.78 21.95 4.40
N THR C 223 46.55 21.22 3.31
CA THR C 223 47.64 20.64 2.53
C THR C 223 47.36 20.69 1.03
N ASP C 224 48.18 21.44 0.30
CA ASP C 224 48.06 21.47 -1.14
C ASP C 224 48.91 20.35 -1.74
N TRP C 225 48.33 19.63 -2.70
CA TRP C 225 48.96 18.48 -3.31
C TRP C 225 50.27 18.84 -4.00
N PHE C 226 50.32 20.02 -4.61
CA PHE C 226 51.49 20.44 -5.36
C PHE C 226 52.66 20.81 -4.45
N ASP C 227 52.37 21.04 -3.17
CA ASP C 227 53.40 21.31 -2.18
C ASP C 227 54.06 20.03 -1.69
N VAL C 228 53.29 18.96 -1.64
CA VAL C 228 53.72 17.74 -0.95
C VAL C 228 53.91 16.53 -1.86
N ARG C 229 53.49 16.63 -3.11
CA ARG C 229 53.57 15.47 -4.01
C ARG C 229 55.00 15.06 -4.32
N GLY C 230 55.92 16.02 -4.21
CA GLY C 230 57.33 15.73 -4.41
C GLY C 230 57.87 14.82 -3.33
N GLN C 231 57.41 15.00 -2.11
CA GLN C 231 57.89 14.23 -0.96
C GLN C 231 57.10 12.94 -0.77
N LEU C 232 55.87 12.91 -1.29
CA LEU C 232 54.94 11.81 -1.06
C LEU C 232 55.09 10.64 -2.03
N ARG C 233 54.96 10.93 -3.32
CA ARG C 233 54.95 9.88 -4.34
C ARG C 233 56.18 8.96 -4.35
N PRO C 234 57.38 9.49 -4.06
CA PRO C 234 58.50 8.54 -3.92
C PRO C 234 58.33 7.56 -2.76
N GLY C 235 57.50 7.91 -1.78
CA GLY C 235 57.21 7.03 -0.67
C GLY C 235 56.30 5.88 -1.09
N SER C 236 55.47 6.13 -2.10
CA SER C 236 54.56 5.12 -2.63
C SER C 236 54.52 5.19 -4.15
N PRO C 237 55.58 4.70 -4.81
CA PRO C 237 55.81 4.88 -6.26
C PRO C 237 54.76 4.25 -7.16
N ALA C 238 54.08 3.22 -6.68
CA ALA C 238 53.11 2.51 -7.49
C ALA C 238 51.71 3.07 -7.33
N ALA C 239 51.51 3.85 -6.28
CA ALA C 239 50.19 4.40 -5.94
C ALA C 239 49.71 5.40 -6.98
N PRO C 240 48.53 5.16 -7.55
CA PRO C 240 47.89 6.10 -8.48
C PRO C 240 47.44 7.38 -7.76
N VAL C 241 47.04 8.39 -8.52
CA VAL C 241 46.60 9.65 -7.93
C VAL C 241 45.25 10.09 -8.50
N VAL C 242 44.27 10.29 -7.63
CA VAL C 242 42.98 10.80 -8.05
C VAL C 242 42.89 12.30 -7.73
N TYR C 243 42.93 13.11 -8.78
CA TYR C 243 42.92 14.56 -8.63
C TYR C 243 41.53 15.14 -8.88
N THR C 244 41.04 15.93 -7.93
CA THR C 244 39.70 16.50 -8.05
C THR C 244 39.70 18.02 -7.92
N GLY C 245 40.88 18.63 -8.03
CA GLY C 245 40.96 20.08 -8.06
C GLY C 245 40.66 20.60 -9.45
N PRO C 246 40.82 21.91 -9.66
CA PRO C 246 40.60 22.52 -10.98
C PRO C 246 41.51 21.91 -12.05
N LEU C 247 40.93 21.45 -13.16
CA LEU C 247 41.68 20.79 -14.22
C LEU C 247 42.73 21.70 -14.87
N ASP C 248 42.34 22.95 -15.13
CA ASP C 248 43.23 23.90 -15.76
C ASP C 248 44.37 24.31 -14.83
N ARG C 249 44.07 24.38 -13.53
CA ARG C 249 45.08 24.76 -12.54
C ARG C 249 46.16 23.69 -12.43
N TYR C 250 45.78 22.44 -12.69
CA TYR C 250 46.71 21.31 -12.57
C TYR C 250 47.90 21.48 -13.50
N PHE C 251 47.65 21.94 -14.71
CA PHE C 251 48.72 22.12 -15.69
C PHE C 251 49.20 23.56 -15.74
N ASP C 252 49.07 24.26 -14.62
CA ASP C 252 49.55 25.63 -14.48
C ASP C 252 48.99 26.57 -15.55
N TYR C 253 47.76 26.28 -15.98
CA TYR C 253 47.07 27.08 -17.00
C TYR C 253 47.90 27.25 -18.27
N ALA C 254 48.65 26.21 -18.63
CA ALA C 254 49.57 26.25 -19.76
C ALA C 254 48.87 26.49 -21.09
N GLU C 255 47.64 25.99 -21.22
CA GLU C 255 46.88 26.14 -22.46
C GLU C 255 45.89 27.29 -22.35
N GLY C 256 45.84 27.92 -21.19
CA GLY C 256 44.92 29.01 -20.96
C GLY C 256 44.00 28.74 -19.79
N ARG C 257 43.31 29.78 -19.33
CA ARG C 257 42.41 29.66 -18.18
C ARG C 257 40.98 29.39 -18.60
N LEU C 258 40.43 28.28 -18.11
CA LEU C 258 39.02 27.97 -18.33
C LEU C 258 38.14 28.98 -17.61
N GLY C 259 36.96 29.23 -18.15
CA GLY C 259 36.03 30.17 -17.55
C GLY C 259 35.27 29.54 -16.41
N TRP C 260 35.39 30.12 -15.22
CA TRP C 260 34.66 29.66 -14.05
C TRP C 260 33.82 30.79 -13.46
N ARG C 261 32.76 30.41 -12.75
CA ARG C 261 32.00 31.36 -11.95
C ARG C 261 32.22 31.03 -10.48
N THR C 262 32.47 32.05 -9.67
CA THR C 262 32.71 31.84 -8.24
C THR C 262 31.58 32.48 -7.44
N LEU C 263 31.52 32.19 -6.14
CA LEU C 263 30.44 32.70 -5.31
C LEU C 263 30.92 33.35 -4.02
N ASP C 264 30.23 34.42 -3.63
CA ASP C 264 30.47 35.08 -2.35
C ASP C 264 29.19 35.10 -1.54
N PHE C 265 29.30 34.88 -0.24
CA PHE C 265 28.11 34.79 0.60
C PHE C 265 28.08 35.85 1.69
N GLU C 266 26.89 36.28 2.05
CA GLU C 266 26.69 37.19 3.17
C GLU C 266 25.78 36.52 4.20
N VAL C 267 26.39 36.03 5.27
CA VAL C 267 25.66 35.35 6.32
C VAL C 267 25.29 36.33 7.43
N GLU C 268 24.00 36.39 7.77
CA GLU C 268 23.51 37.35 8.74
C GLU C 268 22.46 36.75 9.68
N VAL C 269 22.64 36.93 10.98
CA VAL C 269 21.66 36.49 11.96
C VAL C 269 20.70 37.61 12.32
N LEU C 270 19.43 37.44 11.97
CA LEU C 270 18.41 38.46 12.21
C LEU C 270 17.72 38.26 13.55
N PRO C 271 17.29 39.37 14.18
CA PRO C 271 16.57 39.30 15.46
C PRO C 271 15.08 38.99 15.31
N ILE C 272 14.70 38.39 14.18
CA ILE C 272 13.33 37.93 13.98
C ILE C 272 13.32 36.41 13.81
N GLY C 273 12.14 35.80 13.99
CA GLY C 273 12.03 34.35 13.90
C GLY C 273 12.05 33.82 12.47
N ASP C 274 11.46 34.58 11.55
CA ASP C 274 11.34 34.14 10.17
C ASP C 274 11.53 35.31 9.21
N PHE C 275 12.47 35.15 8.28
CA PHE C 275 12.78 36.22 7.33
C PHE C 275 11.90 36.16 6.09
N GLN C 276 11.80 35.00 5.46
CA GLN C 276 11.06 34.88 4.20
C GLN C 276 10.09 33.70 4.16
N GLY C 277 10.07 32.89 5.20
CA GLY C 277 9.10 31.82 5.33
C GLY C 277 9.31 30.62 4.43
N THR C 278 10.50 30.51 3.83
CA THR C 278 10.80 29.37 2.97
C THR C 278 12.32 29.24 2.82
N ALA C 279 12.77 28.05 2.43
CA ALA C 279 14.20 27.73 2.42
C ALA C 279 15.00 28.62 1.47
N VAL C 280 14.60 28.63 0.20
CA VAL C 280 15.34 29.38 -0.81
C VAL C 280 14.43 30.28 -1.63
N MET C 281 14.74 31.57 -1.64
CA MET C 281 13.99 32.54 -2.42
C MET C 281 14.86 33.10 -3.55
N ASN C 282 14.48 32.81 -4.79
CA ASN C 282 15.21 33.34 -5.94
C ASN C 282 14.84 34.78 -6.21
N TYR C 283 15.82 35.58 -6.62
CA TYR C 283 15.58 36.97 -7.01
C TYR C 283 15.92 37.17 -8.47
N ASN C 284 14.89 37.13 -9.31
CA ASN C 284 15.07 37.09 -10.76
C ASN C 284 15.29 38.46 -11.38
N ASP C 285 15.03 39.52 -10.62
CA ASP C 285 15.15 40.88 -11.14
C ASP C 285 16.57 41.42 -10.98
N LEU C 286 16.89 42.47 -11.73
CA LEU C 286 18.24 43.03 -11.74
C LEU C 286 18.41 44.20 -10.77
N ASP C 287 17.32 44.63 -10.15
CA ASP C 287 17.36 45.74 -9.21
C ASP C 287 17.92 45.29 -7.86
N VAL C 288 18.31 44.02 -7.80
CA VAL C 288 18.95 43.45 -6.61
C VAL C 288 20.24 42.76 -7.03
N PRO C 289 21.31 42.92 -6.24
CA PRO C 289 22.64 42.43 -6.64
C PRO C 289 22.86 40.93 -6.43
N TYR C 290 22.03 40.30 -5.59
CA TYR C 290 22.21 38.88 -5.31
C TYR C 290 21.27 37.99 -6.11
N THR C 291 21.65 36.73 -6.28
CA THR C 291 20.85 35.77 -7.04
C THR C 291 19.69 35.22 -6.21
N ARG C 292 19.99 34.83 -4.98
CA ARG C 292 18.98 34.22 -4.12
C ARG C 292 19.32 34.36 -2.65
N ILE C 293 18.33 34.09 -1.79
CA ILE C 293 18.53 34.13 -0.35
C ILE C 293 18.13 32.80 0.29
N HIS C 294 19.03 32.23 1.07
CA HIS C 294 18.74 31.01 1.81
C HIS C 294 18.36 31.34 3.24
N GLU C 295 17.34 30.66 3.77
CA GLU C 295 17.02 30.75 5.19
C GLU C 295 17.05 29.35 5.78
N PHE C 296 18.15 29.02 6.46
CA PHE C 296 18.49 27.64 6.79
C PHE C 296 17.62 26.98 7.86
N ARG C 297 16.80 27.74 8.55
CA ARG C 297 15.91 27.12 9.54
C ARG C 297 14.86 26.27 8.82
N HIS C 298 14.52 26.68 7.59
CA HIS C 298 13.46 26.01 6.85
C HIS C 298 13.94 24.73 6.17
N PHE C 299 15.24 24.47 6.26
CA PHE C 299 15.82 23.25 5.71
C PHE C 299 15.51 22.05 6.61
N HIS C 300 15.42 22.30 7.91
CA HIS C 300 15.17 21.24 8.87
C HIS C 300 14.01 21.56 9.80
N PRO C 301 12.78 21.47 9.28
CA PRO C 301 11.56 21.77 10.05
C PRO C 301 11.37 20.82 11.22
N GLU C 302 11.87 19.60 11.10
CA GLU C 302 11.74 18.61 12.17
C GLU C 302 12.56 19.02 13.40
N ARG C 303 13.67 19.71 13.19
CA ARG C 303 14.40 20.31 14.29
C ARG C 303 13.66 21.57 14.72
N ASP C 304 13.48 21.75 16.02
CA ASP C 304 12.84 22.97 16.50
C ASP C 304 13.89 23.95 17.01
N TYR C 305 14.18 24.95 16.18
CA TYR C 305 15.10 26.01 16.55
C TYR C 305 14.37 27.12 17.29
N ARG C 306 15.13 28.04 17.86
CA ARG C 306 14.55 29.21 18.52
C ARG C 306 13.76 30.04 17.52
N THR C 307 12.69 30.67 17.99
CA THR C 307 11.79 31.40 17.11
C THR C 307 11.94 32.91 17.24
N ASP C 308 13.06 33.36 17.80
CA ASP C 308 13.33 34.78 17.97
C ASP C 308 14.48 35.25 17.08
N LYS C 309 15.29 34.30 16.61
CA LYS C 309 16.38 34.60 15.70
C LYS C 309 16.31 33.67 14.49
N THR C 310 17.00 34.04 13.42
CA THR C 310 17.07 33.22 12.21
C THR C 310 18.33 33.55 11.42
N VAL C 311 18.83 32.58 10.65
CA VAL C 311 20.01 32.78 9.83
C VAL C 311 19.67 32.85 8.36
N ILE C 312 20.14 33.90 7.68
CA ILE C 312 19.95 34.02 6.25
C ILE C 312 21.27 34.22 5.55
N MET C 313 21.32 33.88 4.27
CA MET C 313 22.54 33.98 3.49
C MET C 313 22.26 34.49 2.08
N ARG C 314 22.79 35.66 1.75
CA ARG C 314 22.66 36.20 0.41
C ARG C 314 23.78 35.67 -0.49
N GLU C 315 23.44 35.30 -1.72
CA GLU C 315 24.39 34.68 -2.63
C GLU C 315 24.73 35.59 -3.80
N TYR C 316 26.02 35.83 -4.00
CA TYR C 316 26.51 36.73 -5.05
C TYR C 316 27.40 35.98 -6.04
N SER C 317 27.22 36.26 -7.33
CA SER C 317 27.94 35.53 -8.36
C SER C 317 28.87 36.42 -9.18
N ARG C 318 30.07 35.90 -9.46
CA ARG C 318 31.03 36.63 -10.26
C ARG C 318 32.06 35.69 -10.88
N PHE C 319 32.92 36.23 -11.75
CA PHE C 319 33.95 35.43 -12.40
C PHE C 319 35.07 35.07 -11.43
N ALA C 320 35.47 33.81 -11.46
CA ALA C 320 36.52 33.31 -10.58
C ALA C 320 37.88 33.80 -11.00
N GLU C 321 38.55 34.54 -10.11
CA GLU C 321 39.88 35.07 -10.38
C GLU C 321 40.95 34.01 -10.12
N ASP C 322 42.22 34.42 -10.23
CA ASP C 322 43.34 33.49 -10.15
C ASP C 322 43.43 32.77 -8.80
N ASP C 323 43.16 33.50 -7.72
CA ASP C 323 43.25 32.92 -6.39
C ASP C 323 41.87 32.59 -5.80
N ASP C 324 40.85 32.61 -6.65
CA ASP C 324 39.49 32.30 -6.20
C ASP C 324 39.16 30.82 -6.41
N GLU C 325 38.37 30.27 -5.50
CA GLU C 325 37.91 28.90 -5.65
C GLU C 325 36.75 28.85 -6.64
N PRO C 326 36.89 28.03 -7.68
CA PRO C 326 35.86 27.91 -8.72
C PRO C 326 34.66 27.09 -8.27
N TYR C 327 33.46 27.53 -8.64
CA TYR C 327 32.23 26.84 -8.24
C TYR C 327 31.53 26.25 -9.46
N TYR C 328 31.31 27.09 -10.47
CA TYR C 328 30.62 26.67 -11.68
C TYR C 328 31.51 26.75 -12.91
N PRO C 329 31.52 25.69 -13.72
CA PRO C 329 32.12 25.75 -15.06
C PRO C 329 31.19 26.45 -16.03
N ILE C 330 31.69 27.42 -16.78
CA ILE C 330 30.85 28.17 -17.70
C ILE C 330 30.55 27.36 -18.96
N ASN C 331 31.58 26.73 -19.52
CA ASN C 331 31.43 25.81 -20.66
C ASN C 331 30.87 26.45 -21.94
N THR C 332 31.45 27.58 -22.34
CA THR C 332 31.13 28.16 -23.64
C THR C 332 31.77 27.32 -24.74
N GLU C 333 31.51 27.68 -26.00
CA GLU C 333 32.13 26.98 -27.11
C GLU C 333 33.65 27.12 -27.04
N ALA C 334 34.09 28.28 -26.58
CA ALA C 334 35.52 28.54 -26.38
C ALA C 334 36.06 27.68 -25.24
N ASP C 335 35.27 27.53 -24.18
CA ASP C 335 35.67 26.74 -23.03
C ASP C 335 35.80 25.26 -23.35
N ARG C 336 34.82 24.72 -24.07
CA ARG C 336 34.84 23.32 -24.46
C ARG C 336 36.01 23.01 -25.37
N ALA C 337 36.47 24.00 -26.13
CA ALA C 337 37.64 23.85 -26.99
C ALA C 337 38.90 23.73 -26.14
N LEU C 338 39.06 24.65 -25.20
CA LEU C 338 40.17 24.63 -24.26
C LEU C 338 40.10 23.37 -23.39
N LEU C 339 38.88 22.97 -23.06
CA LEU C 339 38.66 21.76 -22.27
C LEU C 339 39.14 20.51 -23.00
N ALA C 340 38.90 20.48 -24.31
CA ALA C 340 39.31 19.35 -25.14
C ALA C 340 40.82 19.19 -25.13
N THR C 341 41.53 20.30 -25.07
CA THR C 341 42.99 20.29 -25.00
C THR C 341 43.43 19.66 -23.68
N TYR C 342 42.85 20.12 -22.58
CA TYR C 342 43.22 19.65 -21.26
C TYR C 342 42.90 18.18 -21.05
N ARG C 343 41.79 17.72 -21.62
CA ARG C 343 41.40 16.33 -21.47
C ARG C 343 42.43 15.42 -22.13
N ALA C 344 43.11 15.93 -23.16
CA ALA C 344 44.19 15.20 -23.80
C ALA C 344 45.45 15.23 -22.94
N ARG C 345 45.70 16.37 -22.29
CA ARG C 345 46.83 16.50 -21.38
C ARG C 345 46.62 15.61 -20.16
N ALA C 346 45.36 15.47 -19.75
CA ALA C 346 45.00 14.61 -18.63
C ALA C 346 45.20 13.14 -19.00
N LYS C 347 44.84 12.80 -20.24
CA LYS C 347 44.99 11.43 -20.72
C LYS C 347 46.45 11.03 -20.78
N SER C 348 47.32 12.02 -21.03
CA SER C 348 48.76 11.78 -21.03
C SER C 348 49.27 11.56 -19.61
N GLU C 349 48.81 12.39 -18.68
CA GLU C 349 49.17 12.26 -17.28
C GLU C 349 48.74 10.92 -16.72
N THR C 350 47.57 10.46 -17.15
CA THR C 350 47.07 9.15 -16.74
C THR C 350 48.01 8.05 -17.23
N ALA C 351 48.56 8.24 -18.42
CA ALA C 351 49.42 7.25 -19.06
C ALA C 351 50.84 7.28 -18.52
N SER C 352 51.33 8.47 -18.21
CA SER C 352 52.73 8.65 -17.84
C SER C 352 53.00 8.56 -16.34
N SER C 353 52.05 9.02 -15.53
CA SER C 353 52.26 9.09 -14.08
C SER C 353 51.06 8.62 -13.25
N LYS C 354 50.17 7.84 -13.86
CA LYS C 354 49.02 7.26 -13.18
C LYS C 354 48.15 8.27 -12.44
N VAL C 355 47.88 9.41 -13.08
CA VAL C 355 47.07 10.46 -12.45
C VAL C 355 45.68 10.54 -13.09
N LEU C 356 44.65 10.21 -12.32
CA LEU C 356 43.28 10.26 -12.79
C LEU C 356 42.65 11.62 -12.52
N PHE C 357 41.57 11.93 -13.24
CA PHE C 357 40.86 13.19 -13.05
C PHE C 357 39.36 12.96 -12.90
N GLY C 358 38.77 13.55 -11.86
CA GLY C 358 37.36 13.38 -11.61
C GLY C 358 36.76 14.46 -10.74
N GLY C 359 35.45 14.58 -10.77
CA GLY C 359 34.73 15.52 -9.94
C GLY C 359 34.33 16.77 -10.68
N ARG C 360 33.63 17.65 -9.98
CA ARG C 360 33.14 18.90 -10.55
C ARG C 360 34.26 19.74 -11.15
N LEU C 361 35.38 19.82 -10.45
CA LEU C 361 36.50 20.66 -10.87
C LEU C 361 37.47 19.94 -11.79
N GLY C 362 37.74 18.67 -11.48
CA GLY C 362 38.69 17.89 -12.24
C GLY C 362 38.25 17.56 -13.66
N THR C 363 36.95 17.73 -13.94
CA THR C 363 36.43 17.40 -15.26
C THR C 363 35.68 18.56 -15.90
N TYR C 364 35.69 19.71 -15.24
CA TYR C 364 35.03 20.92 -15.75
C TYR C 364 33.56 20.63 -16.07
N GLN C 365 32.90 19.92 -15.17
CA GLN C 365 31.52 19.50 -15.37
C GLN C 365 30.59 20.06 -14.31
N TYR C 366 29.39 20.47 -14.74
CA TYR C 366 28.34 20.96 -13.85
C TYR C 366 27.74 19.80 -13.06
N LEU C 367 28.50 19.27 -12.10
CA LEU C 367 28.09 18.08 -11.37
C LEU C 367 27.37 18.37 -10.05
N ASP C 368 26.27 17.67 -9.82
CA ASP C 368 25.62 17.67 -8.51
C ASP C 368 26.22 16.55 -7.66
N MET C 369 25.86 16.52 -6.38
CA MET C 369 26.43 15.57 -5.43
C MET C 369 26.26 14.12 -5.86
N HIS C 370 25.04 13.75 -6.23
CA HIS C 370 24.75 12.37 -6.61
C HIS C 370 25.44 11.98 -7.91
N MET C 371 25.63 12.95 -8.80
CA MET C 371 26.34 12.70 -10.04
C MET C 371 27.83 12.54 -9.77
N ALA C 372 28.34 13.28 -8.80
CA ALA C 372 29.75 13.17 -8.42
C ALA C 372 30.02 11.83 -7.76
N ILE C 373 29.08 11.37 -6.93
CA ILE C 373 29.20 10.09 -6.26
C ILE C 373 29.08 8.93 -7.25
N ALA C 374 28.10 9.03 -8.16
CA ALA C 374 27.91 8.03 -9.19
C ALA C 374 29.13 7.94 -10.10
N SER C 375 29.73 9.09 -10.38
CA SER C 375 30.90 9.17 -11.23
C SER C 375 32.10 8.50 -10.56
N ALA C 376 32.21 8.66 -9.25
CA ALA C 376 33.31 8.07 -8.49
C ALA C 376 33.15 6.56 -8.42
N LEU C 377 31.90 6.11 -8.27
CA LEU C 377 31.61 4.68 -8.26
C LEU C 377 31.98 4.07 -9.61
N ASN C 378 31.69 4.79 -10.69
CA ASN C 378 32.04 4.33 -12.03
C ASN C 378 33.55 4.24 -12.20
N MET C 379 34.26 5.29 -11.82
CA MET C 379 35.72 5.28 -11.90
C MET C 379 36.30 4.16 -11.05
N TYR C 380 35.69 3.91 -9.89
CA TYR C 380 36.14 2.83 -9.04
C TYR C 380 35.96 1.47 -9.72
N ASP C 381 34.72 1.16 -10.08
CA ASP C 381 34.38 -0.13 -10.68
C ASP C 381 35.12 -0.44 -11.98
N ASN C 382 35.27 0.58 -12.83
CA ASN C 382 35.76 0.38 -14.18
C ASN C 382 37.24 0.71 -14.40
N VAL C 383 37.83 1.48 -13.49
CA VAL C 383 39.21 1.91 -13.67
C VAL C 383 40.11 1.61 -12.48
N LEU C 384 39.80 2.22 -11.34
CA LEU C 384 40.66 2.14 -10.16
C LEU C 384 40.77 0.73 -9.58
N ALA C 385 39.63 0.10 -9.32
CA ALA C 385 39.61 -1.24 -8.73
C ALA C 385 40.31 -2.31 -9.60
N PRO C 386 40.05 -2.34 -10.92
CA PRO C 386 40.78 -3.35 -11.69
C PRO C 386 42.30 -3.15 -11.64
N HIS C 387 42.73 -1.89 -11.54
CA HIS C 387 44.15 -1.57 -11.48
C HIS C 387 44.79 -2.03 -10.17
N LEU C 388 44.28 -1.51 -9.05
CA LEU C 388 44.86 -1.80 -7.74
C LEU C 388 44.79 -3.27 -7.39
N ARG C 389 43.74 -3.94 -7.82
CA ARG C 389 43.50 -5.33 -7.46
C ARG C 389 44.06 -6.32 -8.47
N ASP C 390 43.99 -5.98 -9.76
CA ASP C 390 44.35 -6.93 -10.81
C ASP C 390 45.27 -6.36 -11.88
N GLY C 391 46.12 -5.40 -11.51
CA GLY C 391 47.18 -4.92 -12.38
C GLY C 391 46.80 -4.24 -13.69
N VAL C 392 45.51 -4.29 -14.05
CA VAL C 392 45.02 -3.68 -15.29
C VAL C 392 45.38 -2.19 -15.37
N PRO C 393 45.99 -1.77 -16.49
CA PRO C 393 46.37 -0.37 -16.69
C PRO C 393 45.20 0.60 -16.55
N LEU C 394 45.50 1.88 -16.31
CA LEU C 394 44.47 2.88 -16.10
C LEU C 394 43.81 3.34 -17.41
N LEU C 395 44.37 2.90 -18.53
CA LEU C 395 43.80 3.21 -19.84
C LEU C 395 43.37 1.95 -20.56
#